data_2R3S
#
_entry.id   2R3S
#
_cell.length_a   93.900
_cell.length_b   93.900
_cell.length_c   180.520
_cell.angle_alpha   90.000
_cell.angle_beta   90.000
_cell.angle_gamma   90.000
#
_symmetry.space_group_name_H-M   'P 41 21 2'
#
loop_
_entity.id
_entity.type
_entity.pdbx_description
1 polymer 'uncharacterized protein'
2 non-polymer 'CHLORIDE ION'
3 non-polymer 1,2-ETHANEDIOL
4 water water
#
_entity_poly.entity_id   1
_entity_poly.type   'polypeptide(L)'
_entity_poly.pdbx_seq_one_letter_code
;G(MSE)STPSPALFFNTVNAYQRSAAIKAAVELNVFTAISQGIESSQSLAQKCQTSERG(MSE)R(MSE)LCDYLVIIGF
(MSE)TKQAEGYRLTSDSA(MSE)FLDRQSKFYVGDAIEFLLSP(MSE)ITNGFNDLTAAVLKGGTAISSEGTLSPEHPV
WVQFAKA(MSE)SP(MSE)(MSE)ANPAQLIAQLVNENKIEPLKVLDISASHGLFGIAVAQHNPNAEIFGVDWASVLEVA
KENARIQGVASRYHTIAGSAFEVDYGNDYDLVLLPNFLHHFDVATCEQLLRKIKTALAVEGKVIVFDFIPNSDRITPPDA
AAFSLV(MSE)LATTPNGDAYTFAEYES(MSE)FSNAGFSHSQLHSLPTTQQQVIVAYK
;
_entity_poly.pdbx_strand_id   A,B
#
# COMPACT_ATOMS: atom_id res chain seq x y z
N THR A 4 18.96 17.01 -5.03
CA THR A 4 19.44 16.23 -3.85
C THR A 4 18.80 14.83 -3.77
N PRO A 5 19.56 13.83 -3.29
CA PRO A 5 19.03 12.46 -3.32
C PRO A 5 18.23 12.17 -2.06
N SER A 6 17.21 11.34 -2.18
CA SER A 6 16.26 11.15 -1.11
C SER A 6 15.68 9.73 -0.96
N PRO A 7 15.54 9.23 0.29
CA PRO A 7 14.95 7.94 0.54
C PRO A 7 13.43 8.04 0.75
N ALA A 8 12.82 9.15 0.34
CA ALA A 8 11.39 9.34 0.54
C ALA A 8 10.55 8.35 -0.22
N LEU A 9 10.90 8.06 -1.47
CA LEU A 9 10.15 7.06 -2.25
C LEU A 9 10.12 5.73 -1.53
N PHE A 10 11.31 5.30 -1.12
CA PHE A 10 11.45 4.05 -0.38
C PHE A 10 10.48 4.02 0.81
N PHE A 11 10.53 5.03 1.66
CA PHE A 11 9.77 5.01 2.91
C PHE A 11 8.28 5.17 2.63
N ASN A 12 7.91 5.99 1.66
CA ASN A 12 6.49 6.11 1.29
C ASN A 12 5.95 4.81 0.72
N THR A 13 6.78 4.13 -0.04
CA THR A 13 6.45 2.80 -0.57
C THR A 13 6.39 1.75 0.51
N VAL A 14 7.35 1.72 1.41
CA VAL A 14 7.29 0.77 2.52
C VAL A 14 5.96 0.91 3.24
N ASN A 15 5.56 2.16 3.56
CA ASN A 15 4.34 2.44 4.33
C ASN A 15 3.03 2.56 3.56
N ALA A 16 3.08 2.34 2.26
CA ALA A 16 1.91 2.43 1.37
C ALA A 16 0.73 1.59 1.80
N TYR A 17 0.97 0.43 2.44
CA TYR A 17 -0.10 -0.42 2.95
C TYR A 17 -1.06 0.37 3.89
N GLN A 18 -0.59 1.44 4.52
CA GLN A 18 -1.39 2.24 5.45
C GLN A 18 -2.52 3.02 4.74
N ARG A 19 -2.26 3.40 3.50
CA ARG A 19 -3.22 4.10 2.71
C ARG A 19 -4.38 3.19 2.43
N SER A 20 -4.08 1.94 2.07
CA SER A 20 -5.07 0.90 1.80
C SER A 20 -5.97 0.67 3.02
N ALA A 21 -5.35 0.53 4.19
CA ALA A 21 -6.07 0.32 5.43
C ALA A 21 -6.94 1.56 5.74
N ALA A 22 -6.43 2.76 5.50
CA ALA A 22 -7.17 3.98 5.77
C ALA A 22 -8.42 4.09 4.87
N ILE A 23 -8.28 3.82 3.57
CA ILE A 23 -9.43 3.90 2.66
C ILE A 23 -10.43 2.77 2.90
N LYS A 24 -9.94 1.60 3.30
CA LYS A 24 -10.83 0.52 3.69
C LYS A 24 -11.67 0.93 4.90
N ALA A 25 -11.04 1.47 5.94
CA ALA A 25 -11.80 1.95 7.13
C ALA A 25 -12.81 3.03 6.77
N ALA A 26 -12.38 4.00 5.96
CA ALA A 26 -13.28 5.09 5.54
C ALA A 26 -14.52 4.53 4.84
N VAL A 27 -14.34 3.56 3.95
CA VAL A 27 -15.45 3.00 3.21
C VAL A 27 -16.38 2.17 4.08
N GLU A 28 -15.79 1.29 4.89
CA GLU A 28 -16.53 0.46 5.81
C GLU A 28 -17.31 1.30 6.82
N LEU A 29 -16.80 2.46 7.19
CA LEU A 29 -17.49 3.30 8.17
C LEU A 29 -18.42 4.33 7.54
N ASN A 30 -18.50 4.34 6.21
CA ASN A 30 -19.37 5.27 5.48
C ASN A 30 -18.99 6.74 5.67
N VAL A 31 -17.71 7.01 5.90
CA VAL A 31 -17.31 8.38 6.22
C VAL A 31 -17.73 9.34 5.11
N PHE A 32 -17.51 8.97 3.87
CA PHE A 32 -17.77 9.87 2.73
C PHE A 32 -19.26 10.17 2.54
N THR A 33 -20.10 9.15 2.80
CA THR A 33 -21.56 9.28 2.76
C THR A 33 -22.08 10.23 3.84
N ALA A 34 -21.43 10.22 5.00
CA ALA A 34 -21.77 11.12 6.10
C ALA A 34 -21.38 12.59 5.85
N ILE A 35 -20.27 12.81 5.16
CA ILE A 35 -19.87 14.15 4.73
C ILE A 35 -20.66 14.59 3.52
N SER A 36 -20.75 13.72 2.53
CA SER A 36 -21.44 14.00 1.29
C SER A 36 -20.99 15.30 0.66
N GLN A 37 -21.89 16.21 0.32
CA GLN A 37 -21.46 17.45 -0.35
C GLN A 37 -21.36 18.63 0.59
N GLY A 38 -21.46 18.40 1.89
CA GLY A 38 -21.32 19.44 2.90
C GLY A 38 -19.97 19.44 3.61
N ILE A 39 -19.97 19.93 4.85
CA ILE A 39 -18.74 20.11 5.63
C ILE A 39 -19.04 19.61 7.03
N GLU A 40 -18.29 18.63 7.51
CA GLU A 40 -18.56 18.00 8.81
C GLU A 40 -17.32 17.98 9.66
N SER A 41 -17.45 18.37 10.91
CA SER A 41 -16.36 18.23 11.87
C SER A 41 -16.18 16.74 12.20
N SER A 42 -15.02 16.40 12.77
CA SER A 42 -14.77 15.03 13.20
C SER A 42 -15.69 14.61 14.36
N GLN A 43 -16.07 15.56 15.19
CA GLN A 43 -17.02 15.32 16.27
C GLN A 43 -18.37 14.84 15.72
N SER A 44 -18.80 15.48 14.65
CA SER A 44 -20.07 15.14 14.04
C SER A 44 -19.96 13.84 13.24
N LEU A 45 -18.83 13.60 12.58
CA LEU A 45 -18.62 12.34 11.88
C LEU A 45 -18.53 11.16 12.88
N ALA A 46 -18.01 11.42 14.06
CA ALA A 46 -17.98 10.43 15.15
C ALA A 46 -19.40 10.00 15.54
N GLN A 47 -20.30 10.96 15.71
CA GLN A 47 -21.72 10.68 16.02
C GLN A 47 -22.37 9.93 14.87
N LYS A 48 -22.23 10.48 13.66
CA LYS A 48 -22.87 9.92 12.47
C LYS A 48 -22.41 8.47 12.17
N CYS A 49 -21.13 8.21 12.35
CA CYS A 49 -20.56 6.91 12.02
C CYS A 49 -20.36 6.01 13.24
N GLN A 50 -20.64 6.52 14.43
CA GLN A 50 -20.62 5.73 15.65
C GLN A 50 -19.20 5.23 15.98
N THR A 51 -18.24 6.16 16.02
CA THR A 51 -16.84 5.85 16.29
C THR A 51 -16.37 6.75 17.44
N SER A 52 -15.16 6.57 17.96
CA SER A 52 -14.56 7.56 18.86
C SER A 52 -14.26 8.82 18.04
N GLU A 53 -14.19 9.96 18.72
CA GLU A 53 -13.90 11.24 18.05
CA GLU A 53 -13.93 11.22 18.06
C GLU A 53 -12.45 11.27 17.64
N ARG A 54 -11.57 10.83 18.52
CA ARG A 54 -10.14 10.89 18.23
C ARG A 54 -9.83 9.99 17.07
N GLY A 55 -10.51 8.86 16.97
CA GLY A 55 -10.32 7.95 15.84
C GLY A 55 -10.77 8.53 14.53
N ARG A 57 -11.02 11.71 13.92
CA ARG A 57 -10.14 12.85 13.63
C ARG A 57 -8.84 12.41 12.99
N LEU A 59 -8.21 9.46 11.42
CA LEU A 59 -8.55 8.97 10.07
C LEU A 59 -8.76 10.12 9.05
N CYS A 60 -9.57 11.10 9.39
CA CYS A 60 -9.92 12.17 8.45
C CYS A 60 -8.74 13.09 8.14
N ASP A 61 -7.92 13.42 9.13
CA ASP A 61 -6.68 14.18 8.86
C ASP A 61 -5.80 13.43 7.85
N TYR A 62 -5.69 12.13 8.04
CA TYR A 62 -4.93 11.28 7.11
C TYR A 62 -5.56 11.27 5.72
N LEU A 63 -6.89 11.14 5.67
CA LEU A 63 -7.59 11.22 4.38
C LEU A 63 -7.42 12.59 3.67
N VAL A 64 -7.25 13.66 4.43
CA VAL A 64 -6.88 14.96 3.90
C VAL A 64 -5.44 14.89 3.36
N ILE A 65 -4.52 14.41 4.19
CA ILE A 65 -3.11 14.27 3.78
C ILE A 65 -2.99 13.50 2.44
N ILE A 66 -3.66 12.36 2.29
CA ILE A 66 -3.53 11.61 1.04
C ILE A 66 -4.55 11.99 -0.08
N GLY A 67 -5.35 13.04 0.05
CA GLY A 67 -6.07 13.60 -1.11
C GLY A 67 -7.56 13.30 -1.28
N PHE A 68 -8.18 12.61 -0.34
CA PHE A 68 -9.62 12.31 -0.45
C PHE A 68 -10.56 13.44 0.01
N THR A 70 -10.70 17.75 2.02
CA THR A 70 -10.00 18.95 2.44
C THR A 70 -10.45 19.28 3.85
N LYS A 71 -9.66 20.10 4.54
CA LYS A 71 -9.92 20.48 5.92
C LYS A 71 -10.20 21.97 5.98
N GLN A 72 -11.46 22.36 6.09
CA GLN A 72 -11.85 23.77 6.21
C GLN A 72 -11.92 24.15 7.69
N ALA A 73 -12.22 25.42 7.95
CA ALA A 73 -12.29 25.96 9.31
C ALA A 73 -13.30 25.20 10.13
N GLU A 74 -14.44 24.92 9.51
CA GLU A 74 -15.57 24.26 10.15
C GLU A 74 -15.65 22.74 9.98
N GLY A 75 -14.66 22.14 9.31
CA GLY A 75 -14.58 20.70 9.23
C GLY A 75 -14.07 20.20 7.89
N TYR A 76 -14.40 18.94 7.62
CA TYR A 76 -13.90 18.19 6.46
C TYR A 76 -14.89 18.24 5.30
N ARG A 77 -14.34 18.31 4.09
CA ARG A 77 -15.13 18.47 2.91
C ARG A 77 -14.58 17.53 1.86
N LEU A 78 -15.45 16.84 1.13
CA LEU A 78 -14.97 15.92 0.12
C LEU A 78 -14.40 16.69 -1.08
N THR A 79 -13.46 16.06 -1.76
CA THR A 79 -13.09 16.48 -3.09
C THR A 79 -14.20 16.05 -4.05
N SER A 80 -14.22 16.64 -5.25
CA SER A 80 -15.23 16.30 -6.26
C SER A 80 -15.21 14.82 -6.53
N ASP A 81 -14.00 14.28 -6.63
CA ASP A 81 -13.85 12.88 -6.91
C ASP A 81 -14.44 11.95 -5.84
N SER A 82 -14.28 12.31 -4.57
CA SER A 82 -14.84 11.53 -3.46
C SER A 82 -16.34 11.68 -3.46
N ALA A 83 -16.83 12.88 -3.67
CA ALA A 83 -18.26 13.12 -3.72
C ALA A 83 -18.92 12.26 -4.82
N PHE A 85 -17.51 9.42 -6.37
CA PHE A 85 -17.22 7.98 -6.39
C PHE A 85 -17.32 7.22 -5.05
N LEU A 86 -17.41 7.96 -3.95
CA LEU A 86 -17.27 7.34 -2.63
C LEU A 86 -18.42 7.62 -1.68
N ASP A 87 -19.29 8.55 -2.08
CA ASP A 87 -20.52 8.90 -1.40
C ASP A 87 -21.60 8.00 -1.96
N ARG A 88 -22.21 7.18 -1.10
CA ARG A 88 -23.24 6.21 -1.48
C ARG A 88 -24.46 6.86 -2.14
N GLN A 89 -24.63 8.16 -1.94
CA GLN A 89 -25.72 8.92 -2.48
C GLN A 89 -25.52 9.09 -3.98
N SER A 90 -24.30 8.97 -4.47
CA SER A 90 -23.99 9.16 -5.88
C SER A 90 -24.26 7.89 -6.69
N LYS A 91 -24.81 8.08 -7.89
CA LYS A 91 -25.04 7.01 -8.84
C LYS A 91 -23.73 6.36 -9.29
N PHE A 92 -22.60 7.05 -9.12
CA PHE A 92 -21.28 6.56 -9.59
C PHE A 92 -20.41 5.95 -8.49
N TYR A 93 -21.03 5.68 -7.35
CA TYR A 93 -20.39 5.05 -6.21
C TYR A 93 -19.75 3.76 -6.60
N VAL A 94 -18.44 3.65 -6.36
CA VAL A 94 -17.71 2.42 -6.62
C VAL A 94 -17.05 1.84 -5.35
N GLY A 95 -17.34 2.42 -4.21
CA GLY A 95 -16.63 2.07 -3.00
C GLY A 95 -16.66 0.61 -2.60
N ASP A 96 -17.72 -0.13 -2.96
CA ASP A 96 -17.79 -1.53 -2.56
C ASP A 96 -16.95 -2.45 -3.43
N ALA A 97 -16.23 -1.89 -4.40
CA ALA A 97 -15.22 -2.68 -5.13
C ALA A 97 -14.22 -3.32 -4.17
N ILE A 98 -14.01 -2.71 -2.99
CA ILE A 98 -13.07 -3.28 -2.01
C ILE A 98 -13.48 -4.69 -1.55
N GLU A 99 -14.73 -5.07 -1.74
CA GLU A 99 -15.15 -6.44 -1.39
C GLU A 99 -14.42 -7.52 -2.19
N PHE A 100 -14.04 -7.19 -3.41
CA PHE A 100 -13.12 -7.99 -4.20
C PHE A 100 -11.67 -7.54 -3.99
N LEU A 101 -11.38 -6.25 -4.20
CA LEU A 101 -10.00 -5.78 -4.30
C LEU A 101 -9.20 -5.95 -3.01
N LEU A 102 -9.89 -5.89 -1.88
CA LEU A 102 -9.30 -6.11 -0.57
C LEU A 102 -9.81 -7.41 0.05
N SER A 103 -10.33 -8.33 -0.75
CA SER A 103 -10.60 -9.68 -0.27
C SER A 103 -9.31 -10.36 0.08
N PRO A 104 -9.28 -11.05 1.23
CA PRO A 104 -8.04 -11.77 1.56
C PRO A 104 -7.69 -12.79 0.50
N ILE A 106 -7.59 -12.24 -2.53
CA ILE A 106 -6.68 -11.51 -3.43
C ILE A 106 -5.43 -11.02 -2.70
N THR A 107 -5.60 -10.34 -1.56
CA THR A 107 -4.49 -9.69 -0.85
C THR A 107 -3.46 -10.68 -0.25
N ASN A 108 -3.89 -11.89 0.10
CA ASN A 108 -2.98 -12.93 0.58
C ASN A 108 -1.86 -13.29 -0.39
N GLY A 109 -2.09 -13.26 -1.70
CA GLY A 109 -0.98 -13.45 -2.65
C GLY A 109 0.19 -12.48 -2.47
N PHE A 110 -0.10 -11.30 -1.94
CA PHE A 110 0.92 -10.28 -1.70
C PHE A 110 1.55 -10.36 -0.31
N ASN A 111 1.00 -11.18 0.58
CA ASN A 111 1.63 -11.42 1.86
C ASN A 111 3.05 -12.01 1.73
N ASP A 112 3.31 -12.86 0.75
CA ASP A 112 4.69 -13.29 0.45
C ASP A 112 4.95 -13.25 -1.04
N LEU A 113 5.18 -12.04 -1.52
CA LEU A 113 5.53 -11.81 -2.89
C LEU A 113 6.94 -12.32 -3.13
N THR A 114 7.78 -12.32 -2.10
CA THR A 114 9.13 -12.89 -2.24
C THR A 114 9.05 -14.34 -2.69
N ALA A 115 8.14 -15.11 -2.08
CA ALA A 115 7.87 -16.49 -2.42
C ALA A 115 7.46 -16.64 -3.88
N ALA A 116 6.54 -15.79 -4.33
CA ALA A 116 6.11 -15.80 -5.73
C ALA A 116 7.22 -15.46 -6.71
N VAL A 117 8.06 -14.49 -6.37
CA VAL A 117 9.18 -14.14 -7.25
C VAL A 117 10.17 -15.30 -7.32
N LEU A 118 10.41 -15.93 -6.18
CA LEU A 118 11.32 -17.07 -6.11
C LEU A 118 10.88 -18.22 -7.01
N LYS A 119 9.59 -18.55 -6.96
CA LYS A 119 9.07 -19.73 -7.63
CA LYS A 119 9.07 -19.72 -7.62
C LYS A 119 8.50 -19.49 -9.02
N GLY A 120 8.22 -18.22 -9.36
CA GLY A 120 7.77 -17.82 -10.71
C GLY A 120 6.25 -17.84 -10.90
N GLY A 121 5.53 -17.68 -9.81
CA GLY A 121 4.09 -17.71 -9.84
C GLY A 121 3.57 -17.78 -8.43
N THR A 122 2.25 -17.84 -8.30
CA THR A 122 1.60 -17.67 -7.00
C THR A 122 2.11 -18.69 -5.96
N ALA A 123 2.43 -18.17 -4.78
CA ALA A 123 2.73 -18.97 -3.59
C ALA A 123 1.44 -19.41 -2.83
N ILE A 124 0.28 -18.99 -3.31
CA ILE A 124 -0.99 -19.39 -2.73
C ILE A 124 -1.23 -20.87 -3.02
N SER A 125 -1.74 -21.57 -2.02
CA SER A 125 -2.00 -23.00 -2.16
C SER A 125 -2.79 -23.26 -3.44
N SER A 126 -2.45 -24.40 -4.05
CA SER A 126 -3.07 -24.90 -5.27
C SER A 126 -2.68 -24.01 -6.46
N GLU A 127 -3.69 -23.51 -7.13
CA GLU A 127 -3.49 -22.74 -8.32
C GLU A 127 -4.00 -21.35 -8.07
N GLY A 128 -3.81 -20.85 -6.85
CA GLY A 128 -4.29 -19.57 -6.42
C GLY A 128 -5.78 -19.42 -6.74
N THR A 129 -6.09 -18.35 -7.46
CA THR A 129 -7.47 -18.01 -7.76
C THR A 129 -8.04 -18.83 -8.90
N LEU A 130 -7.22 -19.70 -9.51
CA LEU A 130 -7.64 -20.52 -10.63
C LEU A 130 -8.18 -21.90 -10.22
N SER A 131 -8.25 -22.19 -8.91
CA SER A 131 -8.89 -23.44 -8.47
C SER A 131 -10.38 -23.44 -8.88
N PRO A 132 -10.92 -24.61 -9.24
CA PRO A 132 -12.32 -24.71 -9.66
C PRO A 132 -13.32 -24.06 -8.70
N GLU A 133 -14.21 -23.27 -9.28
CA GLU A 133 -15.26 -22.57 -8.57
C GLU A 133 -14.77 -21.74 -7.37
N HIS A 134 -13.61 -21.09 -7.52
CA HIS A 134 -13.08 -20.28 -6.43
C HIS A 134 -14.09 -19.17 -6.15
N PRO A 135 -14.45 -18.95 -4.87
CA PRO A 135 -15.49 -17.98 -4.55
C PRO A 135 -15.12 -16.51 -4.76
N VAL A 136 -13.84 -16.20 -4.96
CA VAL A 136 -13.41 -14.85 -5.23
C VAL A 136 -14.07 -14.29 -6.52
N TRP A 137 -14.53 -15.17 -7.39
CA TRP A 137 -15.14 -14.77 -8.67
C TRP A 137 -16.61 -14.43 -8.53
N VAL A 138 -17.25 -14.94 -7.47
CA VAL A 138 -18.58 -14.45 -7.08
C VAL A 138 -18.43 -13.03 -6.52
N GLN A 139 -17.43 -12.80 -5.68
CA GLN A 139 -17.16 -11.46 -5.19
CA GLN A 139 -17.10 -11.46 -5.16
C GLN A 139 -16.82 -10.50 -6.33
N PHE A 140 -15.99 -10.94 -7.28
CA PHE A 140 -15.70 -10.09 -8.43
C PHE A 140 -17.00 -9.73 -9.13
N ALA A 141 -17.80 -10.74 -9.46
CA ALA A 141 -19.02 -10.52 -10.22
C ALA A 141 -20.01 -9.57 -9.53
N LYS A 142 -20.11 -9.66 -8.21
CA LYS A 142 -20.99 -8.77 -7.46
C LYS A 142 -20.39 -7.37 -7.29
N ALA A 143 -19.10 -7.31 -7.01
CA ALA A 143 -18.48 -6.07 -6.52
C ALA A 143 -17.92 -5.18 -7.64
N SER A 145 -18.88 -5.11 -11.02
CA SER A 145 -19.76 -4.83 -12.16
C SER A 145 -20.05 -3.34 -12.46
N PRO A 146 -20.13 -2.47 -11.42
CA PRO A 146 -20.30 -1.03 -11.68
C PRO A 146 -19.30 -0.38 -12.65
N ALA A 149 -19.83 -1.67 -16.52
CA ALA A 149 -21.04 -1.30 -17.24
C ALA A 149 -20.75 -0.48 -18.50
N ASN A 150 -19.92 0.55 -18.34
CA ASN A 150 -19.61 1.44 -19.46
C ASN A 150 -18.82 0.71 -20.55
N PRO A 151 -17.73 0.02 -20.17
CA PRO A 151 -17.02 -0.69 -21.23
C PRO A 151 -17.88 -1.74 -21.94
N ALA A 152 -18.80 -2.39 -21.22
CA ALA A 152 -19.74 -3.34 -21.85
C ALA A 152 -20.56 -2.67 -22.96
N GLN A 153 -21.08 -1.47 -22.66
CA GLN A 153 -21.77 -0.64 -23.64
C GLN A 153 -20.87 -0.20 -24.78
N LEU A 154 -19.62 0.17 -24.48
CA LEU A 154 -18.72 0.60 -25.54
C LEU A 154 -18.46 -0.57 -26.50
N ILE A 155 -18.19 -1.75 -25.95
CA ILE A 155 -17.93 -2.92 -26.80
C ILE A 155 -19.14 -3.23 -27.66
N ALA A 156 -20.31 -3.17 -27.05
CA ALA A 156 -21.59 -3.35 -27.76
C ALA A 156 -21.72 -2.41 -28.96
N GLN A 157 -21.51 -1.11 -28.76
CA GLN A 157 -21.69 -0.17 -29.86
C GLN A 157 -20.51 -0.21 -30.86
N LEU A 158 -19.34 -0.72 -30.44
CA LEU A 158 -18.28 -1.11 -31.38
C LEU A 158 -18.65 -2.35 -32.22
N VAL A 159 -19.43 -3.27 -31.64
CA VAL A 159 -19.93 -4.45 -32.38
C VAL A 159 -21.02 -4.07 -33.38
N ASN A 160 -21.74 -2.98 -33.10
CA ASN A 160 -22.84 -2.50 -33.96
C ASN A 160 -22.42 -1.70 -35.21
N GLU A 161 -21.15 -1.83 -35.61
CA GLU A 161 -20.61 -1.11 -36.76
C GLU A 161 -19.99 -2.09 -37.75
N ILE A 164 -20.94 -5.55 -38.09
CA ILE A 164 -21.32 -6.83 -37.47
C ILE A 164 -22.74 -6.75 -36.89
N GLU A 165 -23.47 -7.86 -36.97
CA GLU A 165 -24.75 -7.99 -36.25
C GLU A 165 -25.00 -9.46 -35.85
N PRO A 166 -24.80 -9.78 -34.56
CA PRO A 166 -24.78 -11.17 -34.14
C PRO A 166 -26.16 -11.75 -33.88
N LEU A 167 -26.30 -13.03 -34.16
CA LEU A 167 -27.45 -13.76 -33.73
C LEU A 167 -27.04 -14.73 -32.62
N LYS A 168 -25.77 -15.11 -32.55
CA LYS A 168 -25.32 -16.04 -31.51
C LYS A 168 -23.98 -15.63 -30.85
N VAL A 169 -24.01 -15.46 -29.53
CA VAL A 169 -22.92 -14.87 -28.76
C VAL A 169 -22.49 -15.81 -27.61
N LEU A 170 -21.20 -16.03 -27.50
CA LEU A 170 -20.63 -16.77 -26.40
C LEU A 170 -19.86 -15.75 -25.57
N ASP A 171 -20.10 -15.76 -24.25
CA ASP A 171 -19.39 -14.88 -23.31
C ASP A 171 -18.61 -15.74 -22.33
N ILE A 172 -17.30 -15.88 -22.58
CA ILE A 172 -16.45 -16.79 -21.81
C ILE A 172 -15.83 -16.10 -20.58
N SER A 173 -15.99 -16.75 -19.42
CA SER A 173 -15.90 -16.14 -18.09
C SER A 173 -16.79 -14.90 -18.02
N ALA A 174 -18.07 -15.15 -18.29
CA ALA A 174 -19.11 -14.14 -18.26
C ALA A 174 -19.14 -13.31 -16.95
N SER A 175 -18.76 -13.89 -15.82
CA SER A 175 -18.68 -13.14 -14.56
C SER A 175 -20.04 -12.50 -14.27
N HIS A 176 -20.06 -11.18 -14.01
CA HIS A 176 -21.30 -10.40 -13.90
C HIS A 176 -22.24 -10.45 -15.12
N GLY A 177 -21.72 -10.91 -16.24
CA GLY A 177 -22.48 -11.03 -17.49
C GLY A 177 -22.73 -9.77 -18.30
N LEU A 178 -22.19 -8.63 -17.88
CA LEU A 178 -22.57 -7.37 -18.51
C LEU A 178 -22.12 -7.24 -19.98
N PHE A 179 -21.01 -7.88 -20.36
CA PHE A 179 -20.56 -7.79 -21.77
C PHE A 179 -21.55 -8.41 -22.75
N GLY A 180 -21.88 -9.68 -22.54
CA GLY A 180 -22.92 -10.35 -23.33
C GLY A 180 -24.29 -9.72 -23.18
N ILE A 181 -24.63 -9.30 -21.96
CA ILE A 181 -25.91 -8.65 -21.70
C ILE A 181 -26.05 -7.37 -22.52
N ALA A 182 -25.00 -6.56 -22.60
CA ALA A 182 -25.04 -5.35 -23.43
C ALA A 182 -25.19 -5.68 -24.92
N VAL A 183 -24.53 -6.73 -25.40
CA VAL A 183 -24.74 -7.17 -26.78
C VAL A 183 -26.24 -7.46 -26.95
N ALA A 184 -26.84 -8.20 -26.02
CA ALA A 184 -28.29 -8.51 -26.08
C ALA A 184 -29.12 -7.26 -26.05
N GLN A 185 -28.75 -6.28 -25.21
CA GLN A 185 -29.51 -5.02 -25.11
CA GLN A 185 -29.55 -5.06 -25.12
C GLN A 185 -29.58 -4.27 -26.43
N HIS A 186 -28.49 -4.31 -27.20
CA HIS A 186 -28.42 -3.54 -28.48
C HIS A 186 -28.76 -4.34 -29.72
N ASN A 187 -28.95 -5.65 -29.56
CA ASN A 187 -29.26 -6.56 -30.64
C ASN A 187 -30.41 -7.47 -30.24
N PRO A 188 -31.67 -7.07 -30.50
CA PRO A 188 -32.89 -7.81 -30.17
C PRO A 188 -32.99 -9.27 -30.64
N ASN A 189 -32.24 -9.64 -31.66
CA ASN A 189 -32.24 -11.02 -32.14
C ASN A 189 -31.03 -11.83 -31.67
N ALA A 190 -30.22 -11.27 -30.78
CA ALA A 190 -29.04 -11.96 -30.31
C ALA A 190 -29.45 -12.93 -29.21
N GLU A 191 -28.89 -14.14 -29.24
CA GLU A 191 -29.00 -15.08 -28.16
C GLU A 191 -27.62 -15.21 -27.54
N ILE A 192 -27.56 -15.10 -26.21
CA ILE A 192 -26.31 -15.06 -25.46
C ILE A 192 -26.08 -16.32 -24.65
N PHE A 193 -24.89 -16.86 -24.76
CA PHE A 193 -24.51 -18.01 -23.97
C PHE A 193 -23.32 -17.63 -23.09
N GLY A 194 -23.53 -17.71 -21.79
CA GLY A 194 -22.51 -17.39 -20.82
C GLY A 194 -21.87 -18.60 -20.24
N VAL A 195 -20.54 -18.60 -20.21
CA VAL A 195 -19.78 -19.69 -19.63
C VAL A 195 -19.07 -19.20 -18.40
N ASP A 196 -19.36 -19.81 -17.25
CA ASP A 196 -18.57 -19.56 -16.03
C ASP A 196 -18.87 -20.66 -15.02
N TRP A 197 -18.28 -20.58 -13.84
CA TRP A 197 -18.66 -21.48 -12.76
C TRP A 197 -20.12 -21.22 -12.38
N ALA A 198 -20.82 -22.27 -11.94
CA ALA A 198 -22.25 -22.15 -11.67
C ALA A 198 -22.61 -21.02 -10.71
N SER A 199 -21.88 -20.89 -9.62
CA SER A 199 -22.20 -19.86 -8.63
C SER A 199 -21.98 -18.45 -9.17
N VAL A 200 -21.12 -18.30 -10.18
CA VAL A 200 -20.89 -16.99 -10.78
C VAL A 200 -22.00 -16.64 -11.75
N LEU A 201 -22.41 -17.60 -12.55
CA LEU A 201 -23.54 -17.43 -13.47
C LEU A 201 -24.86 -17.07 -12.80
N GLU A 202 -25.00 -17.36 -11.51
CA GLU A 202 -26.17 -16.88 -10.78
CA GLU A 202 -26.14 -16.88 -10.72
C GLU A 202 -26.22 -15.36 -10.81
N VAL A 203 -25.06 -14.70 -10.68
CA VAL A 203 -24.98 -13.23 -10.78
C VAL A 203 -25.35 -12.74 -12.20
N ALA A 204 -24.71 -13.36 -13.19
CA ALA A 204 -24.96 -13.07 -14.61
C ALA A 204 -26.42 -13.19 -14.97
N LYS A 205 -27.07 -14.25 -14.49
CA LYS A 205 -28.49 -14.47 -14.75
C LYS A 205 -29.31 -13.37 -14.13
N GLU A 206 -28.99 -13.05 -12.88
CA GLU A 206 -29.68 -11.99 -12.19
C GLU A 206 -29.54 -10.67 -12.91
N ASN A 207 -28.33 -10.37 -13.40
CA ASN A 207 -28.11 -9.17 -14.19
C ASN A 207 -28.86 -9.18 -15.53
N ALA A 208 -28.95 -10.34 -16.19
CA ALA A 208 -29.75 -10.45 -17.42
C ALA A 208 -31.22 -10.18 -17.11
N ARG A 209 -31.70 -10.78 -16.04
CA ARG A 209 -33.04 -10.51 -15.51
C ARG A 209 -33.27 -9.00 -15.29
N ILE A 210 -32.41 -8.38 -14.48
CA ILE A 210 -32.49 -6.92 -14.25
C ILE A 210 -32.53 -6.10 -15.57
N GLN A 211 -31.79 -6.52 -16.59
CA GLN A 211 -31.68 -5.75 -17.82
C GLN A 211 -32.77 -6.03 -18.88
N GLY A 212 -33.59 -7.05 -18.65
CA GLY A 212 -34.72 -7.34 -19.53
C GLY A 212 -34.40 -8.28 -20.69
N VAL A 213 -33.40 -9.14 -20.50
CA VAL A 213 -32.92 -10.01 -21.56
C VAL A 213 -32.74 -11.46 -21.10
N ALA A 214 -33.36 -11.80 -19.97
CA ALA A 214 -33.24 -13.11 -19.36
C ALA A 214 -33.60 -14.24 -20.35
N SER A 215 -34.63 -14.01 -21.17
CA SER A 215 -35.08 -15.06 -22.09
C SER A 215 -34.11 -15.33 -23.24
N ARG A 216 -33.15 -14.44 -23.44
CA ARG A 216 -32.14 -14.57 -24.49
C ARG A 216 -30.79 -14.77 -23.88
N TYR A 217 -30.79 -15.16 -22.61
CA TYR A 217 -29.59 -15.39 -21.86
C TYR A 217 -29.54 -16.84 -21.39
N HIS A 218 -28.54 -17.58 -21.86
CA HIS A 218 -28.43 -19.02 -21.59
C HIS A 218 -27.10 -19.31 -20.92
N THR A 219 -27.02 -20.33 -20.09
CA THR A 219 -25.80 -20.58 -19.33
C THR A 219 -25.22 -21.96 -19.62
N ILE A 220 -23.89 -22.03 -19.66
CA ILE A 220 -23.17 -23.28 -19.79
C ILE A 220 -22.26 -23.27 -18.60
N ALA A 221 -22.64 -23.96 -17.54
CA ALA A 221 -21.90 -23.95 -16.29
C ALA A 221 -20.70 -24.88 -16.37
N GLY A 222 -19.58 -24.44 -15.78
CA GLY A 222 -18.34 -25.21 -15.75
C GLY A 222 -17.13 -24.44 -16.24
N SER A 223 -16.03 -25.16 -16.38
CA SER A 223 -14.77 -24.67 -16.92
C SER A 223 -14.84 -24.36 -18.39
N ALA A 224 -14.31 -23.19 -18.77
CA ALA A 224 -14.29 -22.76 -20.16
C ALA A 224 -13.49 -23.75 -20.99
N PHE A 225 -12.65 -24.54 -20.33
CA PHE A 225 -11.78 -25.50 -21.00
C PHE A 225 -12.44 -26.87 -21.20
N GLU A 226 -13.48 -27.18 -20.43
CA GLU A 226 -14.12 -28.52 -20.45
C GLU A 226 -15.51 -28.52 -21.10
N VAL A 227 -16.32 -27.50 -20.85
CA VAL A 227 -17.69 -27.46 -21.37
C VAL A 227 -17.71 -27.48 -22.88
N ASP A 228 -18.82 -27.96 -23.44
CA ASP A 228 -19.07 -27.89 -24.86
C ASP A 228 -19.79 -26.59 -25.14
N TYR A 229 -19.22 -25.79 -26.04
CA TYR A 229 -19.76 -24.48 -26.35
C TYR A 229 -20.89 -24.57 -27.33
N GLY A 230 -20.89 -25.62 -28.15
CA GLY A 230 -21.73 -25.65 -29.35
C GLY A 230 -20.96 -24.97 -30.46
N ASN A 231 -21.65 -24.49 -31.48
CA ASN A 231 -21.01 -23.81 -32.62
C ASN A 231 -21.96 -22.88 -33.34
N ASP A 232 -21.54 -22.34 -34.48
CA ASP A 232 -22.27 -21.30 -35.24
C ASP A 232 -22.32 -19.94 -34.51
N TYR A 233 -21.31 -19.65 -33.69
CA TYR A 233 -21.25 -18.36 -32.97
C TYR A 233 -20.73 -17.26 -33.84
N ASP A 234 -21.51 -16.19 -33.92
CA ASP A 234 -21.09 -14.99 -34.61
C ASP A 234 -20.07 -14.15 -33.85
N LEU A 235 -20.04 -14.27 -32.52
CA LEU A 235 -19.25 -13.40 -31.67
C LEU A 235 -18.91 -14.13 -30.38
N VAL A 236 -17.62 -14.15 -30.06
CA VAL A 236 -17.10 -14.75 -28.81
C VAL A 236 -16.35 -13.68 -27.99
N LEU A 237 -16.88 -13.35 -26.82
CA LEU A 237 -16.28 -12.37 -25.93
C LEU A 237 -15.39 -13.07 -24.91
N LEU A 238 -14.21 -12.51 -24.68
CA LEU A 238 -13.29 -12.92 -23.63
C LEU A 238 -12.91 -11.70 -22.74
N PRO A 239 -13.80 -11.30 -21.82
CA PRO A 239 -13.51 -10.19 -20.94
C PRO A 239 -12.68 -10.62 -19.74
N ASN A 240 -11.51 -10.02 -19.55
CA ASN A 240 -10.66 -10.26 -18.38
C ASN A 240 -10.46 -11.75 -18.02
N PHE A 241 -10.23 -12.56 -19.05
CA PHE A 241 -9.99 -14.00 -18.87
C PHE A 241 -8.58 -14.43 -19.20
N LEU A 242 -8.07 -14.01 -20.34
CA LEU A 242 -6.87 -14.66 -20.88
C LEU A 242 -5.64 -14.42 -20.04
N HIS A 243 -5.56 -13.25 -19.38
CA HIS A 243 -4.41 -12.92 -18.51
C HIS A 243 -4.07 -13.88 -17.37
N HIS A 244 -5.02 -14.72 -16.98
CA HIS A 244 -4.80 -15.76 -15.93
C HIS A 244 -3.96 -16.96 -16.33
N PHE A 245 -3.79 -17.21 -17.63
CA PHE A 245 -3.22 -18.49 -18.07
C PHE A 245 -1.91 -18.31 -18.83
N ASP A 246 -1.05 -19.33 -18.85
CA ASP A 246 0.11 -19.32 -19.76
C ASP A 246 -0.34 -19.30 -21.23
N VAL A 247 0.62 -19.02 -22.10
CA VAL A 247 0.39 -18.89 -23.54
C VAL A 247 -0.18 -20.16 -24.22
N ALA A 248 0.32 -21.33 -23.81
CA ALA A 248 -0.11 -22.61 -24.36
C ALA A 248 -1.60 -22.83 -24.05
N THR A 249 -1.95 -22.58 -22.79
CA THR A 249 -3.35 -22.65 -22.33
C THR A 249 -4.26 -21.69 -23.03
N CYS A 250 -3.81 -20.44 -23.25
CA CYS A 250 -4.62 -19.47 -24.03
C CYS A 250 -4.81 -19.97 -25.45
N GLU A 251 -3.77 -20.58 -25.99
CA GLU A 251 -3.79 -21.11 -27.36
C GLU A 251 -4.75 -22.31 -27.46
N GLN A 252 -4.66 -23.22 -26.50
CA GLN A 252 -5.65 -24.30 -26.34
C GLN A 252 -7.07 -23.73 -26.38
N LEU A 253 -7.30 -22.67 -25.61
CA LEU A 253 -8.62 -22.06 -25.56
C LEU A 253 -9.00 -21.42 -26.89
N LEU A 254 -8.07 -20.71 -27.53
CA LEU A 254 -8.39 -20.01 -28.78
C LEU A 254 -8.71 -20.98 -29.95
N ARG A 255 -8.13 -22.19 -29.90
CA ARG A 255 -8.43 -23.24 -30.91
C ARG A 255 -9.85 -23.78 -30.74
N LYS A 256 -10.23 -24.05 -29.49
CA LYS A 256 -11.59 -24.43 -29.14
C LYS A 256 -12.59 -23.37 -29.57
N ILE A 257 -12.26 -22.12 -29.31
CA ILE A 257 -13.12 -21.03 -29.71
C ILE A 257 -13.25 -21.02 -31.24
N LYS A 258 -12.16 -21.30 -31.95
CA LYS A 258 -12.19 -21.22 -33.41
C LYS A 258 -13.18 -22.21 -34.00
N THR A 259 -13.15 -23.44 -33.51
CA THR A 259 -14.10 -24.48 -33.91
C THR A 259 -15.56 -24.02 -33.75
N ALA A 260 -15.86 -23.35 -32.64
CA ALA A 260 -17.21 -22.93 -32.31
C ALA A 260 -17.69 -21.75 -33.12
N LEU A 261 -16.80 -21.05 -33.82
CA LEU A 261 -17.22 -19.86 -34.57
C LEU A 261 -17.91 -20.22 -35.88
N ALA A 262 -18.82 -19.35 -36.31
CA ALA A 262 -19.39 -19.38 -37.66
C ALA A 262 -18.37 -18.87 -38.68
N VAL A 263 -18.74 -18.97 -39.96
CA VAL A 263 -17.86 -18.64 -41.07
C VAL A 263 -17.18 -17.30 -40.90
N GLU A 264 -17.97 -16.27 -40.63
CA GLU A 264 -17.44 -14.90 -40.54
C GLU A 264 -17.32 -14.46 -39.04
N GLY A 265 -16.99 -15.43 -38.16
CA GLY A 265 -17.00 -15.21 -36.73
C GLY A 265 -15.88 -14.32 -36.22
N LYS A 266 -16.11 -13.72 -35.05
CA LYS A 266 -15.18 -12.75 -34.46
C LYS A 266 -15.02 -12.98 -32.96
N VAL A 267 -13.79 -12.82 -32.47
CA VAL A 267 -13.50 -12.86 -31.03
C VAL A 267 -13.18 -11.42 -30.60
N ILE A 268 -13.79 -10.95 -29.52
CA ILE A 268 -13.39 -9.69 -28.87
C ILE A 268 -12.73 -9.98 -27.51
N VAL A 269 -11.45 -9.64 -27.40
CA VAL A 269 -10.72 -9.72 -26.13
C VAL A 269 -10.77 -8.36 -25.44
N PHE A 270 -11.15 -8.36 -24.17
CA PHE A 270 -11.18 -7.13 -23.37
C PHE A 270 -10.27 -7.40 -22.17
N ASP A 271 -9.18 -6.64 -22.04
CA ASP A 271 -8.13 -7.03 -21.10
C ASP A 271 -7.17 -5.86 -20.87
N PHE A 272 -6.20 -6.08 -19.98
CA PHE A 272 -5.11 -5.13 -19.73
C PHE A 272 -4.01 -5.44 -20.71
N ILE A 273 -3.80 -4.55 -21.68
CA ILE A 273 -2.79 -4.80 -22.71
C ILE A 273 -1.74 -3.70 -22.63
N PRO A 274 -0.67 -3.95 -21.89
CA PRO A 274 0.43 -2.99 -21.85
C PRO A 274 1.12 -2.79 -23.19
N ASN A 275 1.71 -1.60 -23.35
CA ASN A 275 2.64 -1.35 -24.47
C ASN A 275 3.80 -2.31 -24.39
N SER A 276 4.53 -2.41 -25.50
CA SER A 276 5.66 -3.33 -25.61
C SER A 276 6.77 -3.10 -24.58
N ASP A 277 6.83 -1.90 -24.00
CA ASP A 277 7.80 -1.56 -22.94
C ASP A 277 7.53 -2.32 -21.64
N ARG A 278 6.29 -2.79 -21.50
CA ARG A 278 5.77 -3.50 -20.31
C ARG A 278 5.78 -2.63 -19.08
N ILE A 279 5.82 -1.29 -19.27
CA ILE A 279 5.81 -0.32 -18.17
C ILE A 279 4.75 0.78 -18.37
N THR A 280 4.15 0.83 -19.56
CA THR A 280 3.06 1.75 -19.86
C THR A 280 1.95 1.03 -20.60
N PRO A 281 0.71 1.53 -20.46
CA PRO A 281 0.31 2.54 -19.48
C PRO A 281 0.50 1.95 -18.12
N PRO A 282 0.75 2.78 -17.11
CA PRO A 282 1.12 2.25 -15.82
C PRO A 282 0.14 1.23 -15.22
N ASP A 283 -1.16 1.52 -15.24
CA ASP A 283 -2.16 0.62 -14.65
CA ASP A 283 -2.16 0.64 -14.65
C ASP A 283 -2.22 -0.71 -15.41
N ALA A 284 -2.29 -0.69 -16.74
CA ALA A 284 -2.23 -1.94 -17.52
C ALA A 284 -0.98 -2.74 -17.21
N ALA A 285 0.17 -2.08 -17.20
CA ALA A 285 1.43 -2.77 -17.05
C ALA A 285 1.67 -3.29 -15.64
N ALA A 286 1.15 -2.58 -14.63
CA ALA A 286 1.27 -3.00 -13.23
C ALA A 286 0.47 -4.29 -12.94
N PHE A 287 -0.49 -4.63 -13.79
CA PHE A 287 -1.33 -5.81 -13.58
C PHE A 287 -0.49 -7.12 -13.61
N SER A 288 0.69 -7.11 -14.25
CA SER A 288 1.48 -8.31 -14.29
C SER A 288 1.91 -8.79 -12.86
N LEU A 289 2.13 -7.86 -11.94
CA LEU A 289 2.43 -8.21 -10.56
C LEU A 289 1.21 -8.88 -9.92
N VAL A 290 0.01 -8.40 -10.23
CA VAL A 290 -1.20 -9.05 -9.77
C VAL A 290 -1.27 -10.51 -10.23
N LEU A 292 1.31 -12.37 -11.09
CA LEU A 292 2.33 -13.13 -10.39
C LEU A 292 1.85 -13.56 -9.01
N ALA A 293 1.22 -12.63 -8.29
CA ALA A 293 0.82 -12.89 -6.92
C ALA A 293 -0.30 -13.93 -6.81
N THR A 294 -1.18 -14.00 -7.81
CA THR A 294 -2.45 -14.69 -7.64
C THR A 294 -2.69 -15.90 -8.54
N THR A 295 -1.91 -16.05 -9.60
CA THR A 295 -2.07 -17.11 -10.60
C THR A 295 -0.70 -17.81 -10.78
N PRO A 296 -0.70 -19.09 -11.22
CA PRO A 296 0.58 -19.78 -11.46
C PRO A 296 1.42 -19.30 -12.64
N ASN A 297 0.80 -18.95 -13.77
CA ASN A 297 1.45 -18.60 -15.03
CA ASN A 297 1.56 -18.44 -14.92
C ASN A 297 0.75 -17.43 -15.74
N GLY A 298 -0.12 -16.69 -15.09
CA GLY A 298 -0.83 -15.59 -15.74
C GLY A 298 0.11 -14.40 -15.99
N ASP A 299 -0.31 -13.45 -16.82
CA ASP A 299 0.52 -12.29 -17.18
C ASP A 299 -0.38 -11.24 -17.78
N ALA A 300 0.09 -9.98 -17.80
CA ALA A 300 -0.57 -8.94 -18.57
C ALA A 300 0.15 -8.93 -19.92
N TYR A 301 -0.51 -9.49 -20.93
CA TYR A 301 0.10 -9.73 -22.22
C TYR A 301 -0.02 -8.53 -23.15
N THR A 302 1.05 -8.27 -23.90
CA THR A 302 1.08 -7.19 -24.89
C THR A 302 0.34 -7.61 -26.17
N PHE A 303 0.05 -6.65 -27.06
CA PHE A 303 -0.67 -6.93 -28.30
C PHE A 303 0.12 -7.90 -29.17
N ALA A 304 1.38 -7.61 -29.40
CA ALA A 304 2.27 -8.53 -30.07
C ALA A 304 2.18 -9.96 -29.52
N GLU A 305 2.09 -10.12 -28.19
CA GLU A 305 1.98 -11.46 -27.61
C GLU A 305 0.63 -12.10 -27.95
N TYR A 306 -0.44 -11.32 -27.87
CA TYR A 306 -1.78 -11.80 -28.19
C TYR A 306 -1.98 -12.08 -29.69
N GLU A 307 -1.44 -11.20 -30.53
CA GLU A 307 -1.45 -11.36 -31.99
C GLU A 307 -0.84 -12.70 -32.37
N SER A 308 0.26 -13.04 -31.71
CA SER A 308 0.92 -14.33 -31.92
C SER A 308 0.11 -15.55 -31.44
N PHE A 310 -3.30 -15.66 -31.33
CA PHE A 310 -4.36 -15.80 -32.32
C PHE A 310 -3.83 -16.37 -33.65
N SER A 311 -2.68 -15.85 -34.10
CA SER A 311 -2.01 -16.39 -35.29
C SER A 311 -1.77 -17.88 -35.16
N ASN A 312 -1.16 -18.32 -34.06
CA ASN A 312 -0.92 -19.75 -33.77
C ASN A 312 -2.15 -20.63 -33.52
N ALA A 313 -3.29 -20.02 -33.23
CA ALA A 313 -4.52 -20.74 -32.99
C ALA A 313 -5.32 -20.87 -34.27
N GLY A 314 -4.84 -20.23 -35.34
CA GLY A 314 -5.45 -20.37 -36.65
C GLY A 314 -6.27 -19.20 -37.15
N PHE A 315 -6.23 -18.06 -36.47
CA PHE A 315 -7.06 -16.95 -36.89
C PHE A 315 -6.32 -16.22 -37.97
N SER A 316 -7.05 -15.44 -38.76
CA SER A 316 -6.51 -14.82 -39.94
C SER A 316 -5.94 -13.45 -39.64
N HIS A 317 -6.43 -12.79 -38.59
CA HIS A 317 -6.14 -11.38 -38.37
C HIS A 317 -6.61 -10.93 -36.97
N SER A 318 -5.75 -10.17 -36.28
CA SER A 318 -6.10 -9.55 -35.01
C SER A 318 -5.65 -8.10 -35.00
N GLN A 319 -6.46 -7.27 -34.36
CA GLN A 319 -6.36 -5.85 -34.49
C GLN A 319 -6.66 -5.20 -33.15
N LEU A 320 -5.75 -4.33 -32.72
CA LEU A 320 -5.89 -3.57 -31.47
C LEU A 320 -6.87 -2.42 -31.62
N HIS A 321 -7.78 -2.28 -30.65
CA HIS A 321 -8.60 -1.09 -30.47
C HIS A 321 -8.34 -0.58 -29.05
N SER A 322 -7.42 0.38 -28.95
CA SER A 322 -6.99 1.01 -27.70
C SER A 322 -8.13 1.43 -26.76
N LEU A 323 -9.24 1.91 -27.32
CA LEU A 323 -10.36 2.46 -26.55
C LEU A 323 -9.89 3.49 -25.50
N PRO A 324 -9.49 4.70 -25.97
CA PRO A 324 -8.99 5.76 -25.09
C PRO A 324 -10.03 6.28 -24.07
N THR A 325 -11.31 6.09 -24.33
CA THR A 325 -12.35 6.45 -23.36
C THR A 325 -12.38 5.54 -22.12
N THR A 326 -11.76 4.37 -22.19
CA THR A 326 -11.80 3.39 -21.09
C THR A 326 -10.42 2.84 -20.69
N GLN A 327 -10.31 2.36 -19.45
CA GLN A 327 -9.03 1.95 -18.84
C GLN A 327 -8.35 0.77 -19.53
N GLN A 328 -9.13 -0.21 -19.97
CA GLN A 328 -8.56 -1.42 -20.58
C GLN A 328 -8.66 -1.35 -22.11
N GLN A 329 -8.09 -2.34 -22.78
CA GLN A 329 -7.92 -2.31 -24.23
C GLN A 329 -8.65 -3.49 -24.88
N VAL A 330 -8.98 -3.36 -26.18
CA VAL A 330 -9.68 -4.43 -26.94
C VAL A 330 -8.84 -4.98 -28.12
N ILE A 331 -8.83 -6.31 -28.31
CA ILE A 331 -8.36 -6.96 -29.54
C ILE A 331 -9.53 -7.64 -30.24
N VAL A 332 -9.79 -7.30 -31.51
CA VAL A 332 -10.72 -8.06 -32.35
C VAL A 332 -9.94 -9.03 -33.22
N ALA A 333 -10.27 -10.32 -33.13
CA ALA A 333 -9.70 -11.37 -33.98
C ALA A 333 -10.77 -11.84 -34.96
N TYR A 334 -10.33 -12.23 -36.16
CA TYR A 334 -11.20 -12.65 -37.26
C TYR A 334 -10.79 -14.05 -37.62
N LYS A 335 -11.78 -14.93 -37.77
CA LYS A 335 -11.54 -16.36 -38.06
C LYS A 335 -10.72 -16.50 -39.34
N SER B 3 -11.18 19.20 -13.19
CA SER B 3 -12.05 19.29 -14.40
C SER B 3 -12.92 18.03 -14.50
N THR B 4 -12.30 16.93 -14.91
CA THR B 4 -12.98 15.64 -15.07
C THR B 4 -12.71 14.81 -13.82
N PRO B 5 -13.78 14.35 -13.17
CA PRO B 5 -13.61 13.55 -11.95
C PRO B 5 -13.16 12.11 -12.25
N SER B 6 -12.41 11.52 -11.33
CA SER B 6 -11.80 10.20 -11.49
C SER B 6 -11.78 9.39 -10.19
N PRO B 7 -12.03 8.06 -10.29
CA PRO B 7 -11.86 7.15 -9.17
C PRO B 7 -10.45 6.63 -9.07
N ALA B 8 -9.51 7.23 -9.82
CA ALA B 8 -8.12 6.76 -9.85
C ALA B 8 -7.43 6.83 -8.50
N LEU B 9 -7.56 7.95 -7.80
CA LEU B 9 -7.00 8.04 -6.44
C LEU B 9 -7.53 6.93 -5.60
N PHE B 10 -8.86 6.73 -5.61
CA PHE B 10 -9.47 5.62 -4.85
C PHE B 10 -8.82 4.24 -5.16
N PHE B 11 -8.85 3.84 -6.43
CA PHE B 11 -8.27 2.54 -6.80
C PHE B 11 -6.77 2.40 -6.57
N ASN B 12 -6.01 3.48 -6.75
CA ASN B 12 -4.57 3.39 -6.47
C ASN B 12 -4.28 3.31 -4.96
N THR B 13 -5.08 4.00 -4.16
CA THR B 13 -5.00 3.93 -2.70
C THR B 13 -5.39 2.53 -2.23
N VAL B 14 -6.47 1.99 -2.79
CA VAL B 14 -6.94 0.66 -2.44
C VAL B 14 -5.85 -0.38 -2.69
N ASN B 15 -5.14 -0.26 -3.80
CA ASN B 15 -4.10 -1.26 -4.15
C ASN B 15 -2.69 -0.91 -3.68
N ALA B 16 -2.55 0.22 -2.99
CA ALA B 16 -1.26 0.71 -2.46
C ALA B 16 -0.48 -0.37 -1.68
N TYR B 17 -1.18 -1.29 -1.01
CA TYR B 17 -0.52 -2.33 -0.22
C TYR B 17 0.41 -3.15 -1.13
N GLN B 18 0.07 -3.25 -2.40
CA GLN B 18 0.89 -3.99 -3.33
C GLN B 18 2.30 -3.40 -3.48
N ARG B 19 2.43 -2.09 -3.31
CA ARG B 19 3.71 -1.40 -3.46
C ARG B 19 4.61 -1.75 -2.32
N SER B 20 4.02 -1.85 -1.13
CA SER B 20 4.73 -2.28 0.05
C SER B 20 5.21 -3.69 -0.11
N ALA B 21 4.39 -4.58 -0.70
CA ALA B 21 4.79 -5.95 -0.95
C ALA B 21 5.96 -6.06 -1.94
N ALA B 22 5.95 -5.22 -2.97
CA ALA B 22 6.98 -5.25 -4.00
C ALA B 22 8.28 -4.77 -3.42
N ILE B 23 8.25 -3.68 -2.67
CA ILE B 23 9.51 -3.15 -2.12
C ILE B 23 10.06 -4.08 -1.04
N LYS B 24 9.18 -4.77 -0.31
CA LYS B 24 9.63 -5.79 0.62
C LYS B 24 10.34 -6.94 -0.12
N ALA B 25 9.75 -7.43 -1.22
CA ALA B 25 10.37 -8.53 -1.96
C ALA B 25 11.75 -8.12 -2.51
N ALA B 26 11.83 -6.92 -3.07
CA ALA B 26 13.06 -6.39 -3.68
C ALA B 26 14.22 -6.23 -2.68
N VAL B 27 13.91 -5.75 -1.49
CA VAL B 27 14.90 -5.63 -0.43
C VAL B 27 15.32 -7.01 0.08
N GLU B 28 14.34 -7.86 0.37
CA GLU B 28 14.66 -9.22 0.82
C GLU B 28 15.46 -10.01 -0.16
N LEU B 29 15.25 -9.77 -1.45
CA LEU B 29 15.94 -10.52 -2.51
C LEU B 29 17.21 -9.83 -2.93
N ASN B 30 17.44 -8.64 -2.42
CA ASN B 30 18.67 -7.91 -2.66
C ASN B 30 18.85 -7.45 -4.07
N VAL B 31 17.73 -7.07 -4.68
CA VAL B 31 17.71 -6.70 -6.07
C VAL B 31 18.56 -5.46 -6.34
N PHE B 32 18.48 -4.45 -5.47
CA PHE B 32 19.13 -3.17 -5.74
C PHE B 32 20.63 -3.30 -5.63
N THR B 33 21.06 -4.16 -4.71
CA THR B 33 22.48 -4.50 -4.54
C THR B 33 23.01 -5.24 -5.75
N ALA B 34 22.17 -6.07 -6.38
CA ALA B 34 22.57 -6.80 -7.59
C ALA B 34 22.69 -5.92 -8.82
N ILE B 35 21.82 -4.93 -8.95
CA ILE B 35 21.94 -3.98 -10.06
C ILE B 35 23.10 -3.01 -9.82
N SER B 36 23.15 -2.47 -8.60
CA SER B 36 24.16 -1.50 -8.17
C SER B 36 24.17 -0.28 -9.12
N GLN B 37 25.34 0.22 -9.52
CA GLN B 37 25.41 1.32 -10.48
C GLN B 37 25.58 0.86 -11.94
N GLY B 38 25.30 -0.42 -12.20
CA GLY B 38 25.36 -0.96 -13.55
C GLY B 38 24.00 -1.17 -14.18
N ILE B 39 23.94 -2.10 -15.14
CA ILE B 39 22.75 -2.37 -15.94
C ILE B 39 22.65 -3.89 -16.05
N GLU B 40 21.54 -4.44 -15.57
CA GLU B 40 21.38 -5.89 -15.48
C GLU B 40 20.01 -6.30 -16.01
N SER B 41 20.01 -7.31 -16.87
CA SER B 41 18.79 -7.90 -17.40
C SER B 41 18.04 -8.63 -16.31
N SER B 42 16.77 -8.95 -16.55
CA SER B 42 16.03 -9.77 -15.59
C SER B 42 16.63 -11.18 -15.51
N GLN B 43 17.24 -11.66 -16.58
CA GLN B 43 17.87 -12.99 -16.56
CA GLN B 43 17.87 -12.98 -16.60
C GLN B 43 19.11 -12.98 -15.69
N SER B 44 19.95 -11.97 -15.85
CA SER B 44 21.11 -11.79 -14.99
C SER B 44 20.73 -11.66 -13.52
N LEU B 45 19.73 -10.84 -13.23
CA LEU B 45 19.27 -10.64 -11.87
C LEU B 45 18.68 -11.90 -11.26
N ALA B 46 17.98 -12.73 -12.06
CA ALA B 46 17.44 -14.01 -11.59
C ALA B 46 18.57 -14.94 -11.17
N GLN B 47 19.63 -14.97 -11.96
CA GLN B 47 20.81 -15.73 -11.62
C GLN B 47 21.52 -15.18 -10.36
N LYS B 48 21.70 -13.86 -10.28
CA LYS B 48 22.38 -13.28 -9.11
C LYS B 48 21.59 -13.45 -7.81
N CYS B 49 20.28 -13.34 -7.91
CA CYS B 49 19.39 -13.36 -6.74
C CYS B 49 18.73 -14.73 -6.47
N GLN B 50 18.97 -15.68 -7.38
CA GLN B 50 18.53 -17.06 -7.24
CA GLN B 50 18.50 -17.07 -7.34
C GLN B 50 16.98 -17.19 -7.24
N THR B 51 16.33 -16.50 -8.18
CA THR B 51 14.88 -16.49 -8.33
C THR B 51 14.51 -16.97 -9.72
N SER B 52 13.23 -17.16 -9.99
CA SER B 52 12.73 -17.35 -11.37
C SER B 52 13.02 -16.13 -12.25
N GLU B 53 13.20 -16.35 -13.55
CA GLU B 53 13.33 -15.24 -14.48
C GLU B 53 12.04 -14.41 -14.57
N ARG B 54 10.87 -15.06 -14.69
CA ARG B 54 9.63 -14.29 -14.89
C ARG B 54 9.25 -13.50 -13.65
N GLY B 55 9.50 -14.07 -12.48
CA GLY B 55 9.26 -13.36 -11.22
C GLY B 55 10.08 -12.09 -11.14
N ARG B 57 11.50 -10.40 -13.67
CA ARG B 57 11.07 -9.48 -14.72
C ARG B 57 9.82 -8.72 -14.27
N LEU B 59 8.58 -8.22 -11.22
CA LEU B 59 8.94 -7.35 -10.09
C LEU B 59 9.73 -6.12 -10.56
N CYS B 60 10.76 -6.32 -11.38
CA CYS B 60 11.53 -5.17 -11.86
C CYS B 60 10.71 -4.23 -12.71
N ASP B 61 9.85 -4.74 -13.57
CA ASP B 61 8.98 -3.87 -14.37
C ASP B 61 8.10 -3.04 -13.43
N TYR B 62 7.61 -3.66 -12.36
CA TYR B 62 6.77 -2.96 -11.39
C TYR B 62 7.52 -1.87 -10.65
N LEU B 63 8.74 -2.22 -10.25
CA LEU B 63 9.67 -1.25 -9.62
C LEU B 63 10.08 -0.08 -10.53
N VAL B 64 10.21 -0.33 -11.84
CA VAL B 64 10.33 0.77 -12.82
C VAL B 64 9.05 1.64 -12.84
N ILE B 65 7.88 1.01 -12.93
CA ILE B 65 6.60 1.75 -12.86
C ILE B 65 6.45 2.65 -11.61
N ILE B 66 6.79 2.16 -10.43
CA ILE B 66 6.61 2.98 -9.22
C ILE B 66 7.86 3.84 -8.90
N GLY B 67 8.91 3.77 -9.72
CA GLY B 67 9.96 4.78 -9.69
C GLY B 67 11.29 4.47 -9.07
N PHE B 68 11.60 3.19 -8.87
CA PHE B 68 12.86 2.81 -8.23
C PHE B 68 14.02 2.54 -9.16
N THR B 70 15.04 2.26 -13.79
CA THR B 70 14.63 2.54 -15.16
C THR B 70 14.87 1.28 -15.95
N LYS B 71 14.24 1.20 -17.12
CA LYS B 71 14.33 0.04 -17.99
C LYS B 71 14.99 0.47 -19.28
N GLN B 72 16.22 0.04 -19.51
CA GLN B 72 16.93 0.43 -20.71
C GLN B 72 16.92 -0.75 -21.67
N ALA B 73 17.44 -0.52 -22.87
CA ALA B 73 17.55 -1.55 -23.90
C ALA B 73 18.16 -2.86 -23.38
N GLU B 74 19.25 -2.77 -22.63
CA GLU B 74 20.06 -3.92 -22.21
C GLU B 74 19.81 -4.42 -20.77
N GLY B 75 18.86 -3.81 -20.06
CA GLY B 75 18.57 -4.19 -18.67
C GLY B 75 18.10 -3.05 -17.78
N TYR B 76 18.02 -3.31 -16.48
CA TYR B 76 17.51 -2.33 -15.49
C TYR B 76 18.63 -1.56 -14.89
N ARG B 77 18.34 -0.32 -14.54
CA ARG B 77 19.32 0.59 -14.02
C ARG B 77 18.69 1.32 -12.82
N LEU B 78 19.44 1.45 -11.73
CA LEU B 78 18.92 2.17 -10.58
C LEU B 78 18.78 3.67 -10.83
N THR B 79 17.78 4.28 -10.19
CA THR B 79 17.79 5.72 -9.98
C THR B 79 18.90 6.04 -8.96
N SER B 80 19.29 7.30 -8.91
CA SER B 80 20.29 7.76 -7.99
C SER B 80 19.92 7.48 -6.58
N ASP B 81 18.65 7.68 -6.27
CA ASP B 81 18.10 7.46 -4.94
C ASP B 81 18.20 6.00 -4.52
N SER B 82 17.91 5.09 -5.44
CA SER B 82 18.04 3.66 -5.15
C SER B 82 19.51 3.24 -5.01
N ALA B 83 20.37 3.73 -5.89
CA ALA B 83 21.82 3.53 -5.78
C ALA B 83 22.36 3.99 -4.42
N PHE B 85 20.50 4.62 -1.41
CA PHE B 85 19.81 4.16 -0.20
C PHE B 85 19.43 2.68 -0.14
N LEU B 86 19.47 2.00 -1.27
CA LEU B 86 18.98 0.62 -1.36
C LEU B 86 20.01 -0.38 -1.85
N ASP B 87 21.15 0.11 -2.29
CA ASP B 87 22.28 -0.77 -2.70
C ASP B 87 23.12 -0.96 -1.45
N ARG B 88 23.30 -2.20 -1.01
CA ARG B 88 24.04 -2.44 0.25
C ARG B 88 25.48 -1.92 0.24
N GLN B 89 26.02 -1.72 -0.95
CA GLN B 89 27.39 -1.27 -1.14
C GLN B 89 27.49 0.21 -0.75
N SER B 90 26.37 0.90 -0.71
CA SER B 90 26.38 2.32 -0.34
C SER B 90 26.40 2.51 1.17
N LYS B 91 27.22 3.46 1.62
CA LYS B 91 27.35 3.84 3.02
C LYS B 91 26.04 4.32 3.61
N PHE B 92 25.08 4.68 2.77
CA PHE B 92 23.82 5.27 3.20
C PHE B 92 22.67 4.29 3.06
N TYR B 93 22.96 3.02 2.91
CA TYR B 93 21.91 1.99 2.78
C TYR B 93 20.96 1.94 3.99
N VAL B 94 19.66 2.02 3.71
CA VAL B 94 18.64 2.07 4.74
C VAL B 94 17.65 0.96 4.54
N GLY B 95 17.89 0.06 3.58
CA GLY B 95 16.87 -0.93 3.21
C GLY B 95 16.41 -1.81 4.35
N ASP B 96 17.28 -2.09 5.30
CA ASP B 96 16.91 -3.04 6.36
C ASP B 96 15.98 -2.43 7.41
N ALA B 97 15.61 -1.15 7.22
CA ALA B 97 14.52 -0.49 7.96
C ALA B 97 13.21 -1.28 7.94
N ILE B 98 12.97 -2.08 6.91
CA ILE B 98 11.75 -2.90 6.82
C ILE B 98 11.64 -3.97 7.93
N GLU B 99 12.77 -4.35 8.54
CA GLU B 99 12.74 -5.26 9.69
C GLU B 99 11.84 -4.69 10.80
N PHE B 100 11.87 -3.38 11.03
CA PHE B 100 10.88 -2.73 11.93
C PHE B 100 9.58 -2.29 11.21
N LEU B 101 9.71 -1.53 10.14
CA LEU B 101 8.55 -0.91 9.50
C LEU B 101 7.49 -1.90 8.97
N LEU B 102 7.93 -3.06 8.48
CA LEU B 102 7.01 -4.10 8.05
C LEU B 102 6.98 -5.26 9.03
N SER B 103 7.38 -5.00 10.26
CA SER B 103 7.17 -5.97 11.32
C SER B 103 5.66 -6.24 11.45
N PRO B 104 5.27 -7.49 11.74
CA PRO B 104 3.86 -7.80 11.99
C PRO B 104 3.35 -7.03 13.18
N ILE B 106 3.74 -4.06 13.79
CA ILE B 106 3.19 -2.78 13.31
C ILE B 106 2.09 -2.98 12.24
N THR B 107 2.30 -3.89 11.29
CA THR B 107 1.30 -4.10 10.24
C THR B 107 -0.01 -4.71 10.79
N ASN B 108 0.04 -5.60 11.78
CA ASN B 108 -1.19 -6.11 12.45
C ASN B 108 -2.14 -4.99 12.90
N GLY B 109 -1.57 -3.91 13.44
CA GLY B 109 -2.36 -2.74 13.85
C GLY B 109 -3.23 -2.18 12.72
N PHE B 110 -2.68 -2.13 11.53
CA PHE B 110 -3.41 -1.61 10.36
C PHE B 110 -4.37 -2.63 9.75
N ASN B 111 -4.12 -3.92 9.95
CA ASN B 111 -5.09 -4.94 9.56
C ASN B 111 -6.45 -4.76 10.19
N ASP B 112 -6.51 -4.15 11.37
CA ASP B 112 -7.85 -3.80 11.93
C ASP B 112 -7.98 -2.33 12.30
N LEU B 113 -7.59 -1.50 11.33
CA LEU B 113 -7.70 -0.06 11.48
C LEU B 113 -9.13 0.38 11.70
N THR B 114 -10.09 -0.27 11.07
CA THR B 114 -11.52 0.06 11.30
C THR B 114 -11.89 -0.05 12.79
N ALA B 115 -11.43 -1.12 13.45
CA ALA B 115 -11.70 -1.36 14.86
C ALA B 115 -11.03 -0.31 15.74
N ALA B 116 -9.80 0.06 15.37
CA ALA B 116 -9.03 1.12 16.03
C ALA B 116 -9.79 2.43 15.99
N VAL B 117 -10.35 2.76 14.82
CA VAL B 117 -11.09 4.03 14.66
C VAL B 117 -12.34 4.10 15.54
N LEU B 118 -13.08 2.99 15.58
CA LEU B 118 -14.23 2.88 16.47
C LEU B 118 -13.84 2.94 17.94
N LYS B 119 -12.77 2.25 18.33
CA LYS B 119 -12.30 2.19 19.72
C LYS B 119 -11.57 3.46 20.18
N GLY B 120 -10.80 4.08 19.29
CA GLY B 120 -10.02 5.26 19.66
C GLY B 120 -8.61 4.93 20.09
N GLY B 121 -8.10 3.84 19.53
CA GLY B 121 -6.85 3.28 19.96
C GLY B 121 -6.71 1.85 19.50
N THR B 122 -5.53 1.31 19.67
CA THR B 122 -5.17 0.08 19.02
C THR B 122 -6.12 -1.05 19.38
N ALA B 123 -6.52 -1.79 18.32
CA ALA B 123 -7.38 -2.96 18.43
C ALA B 123 -6.60 -4.26 18.74
N ILE B 124 -5.28 -4.23 18.96
CA ILE B 124 -4.51 -5.49 19.10
C ILE B 124 -4.35 -5.97 20.55
N THR B 129 2.24 -1.78 21.43
CA THR B 129 3.68 -1.86 21.32
C THR B 129 4.27 -1.58 22.73
N LEU B 130 3.44 -0.98 23.60
CA LEU B 130 3.93 -0.42 24.85
C LEU B 130 3.92 -1.40 26.01
N SER B 131 3.75 -2.70 25.69
CA SER B 131 3.88 -3.79 26.66
C SER B 131 5.28 -3.78 27.26
N PRO B 132 5.40 -4.17 28.55
CA PRO B 132 6.77 -4.23 29.09
C PRO B 132 7.72 -5.06 28.23
N GLU B 133 8.76 -4.40 27.75
CA GLU B 133 9.85 -5.06 27.07
C GLU B 133 9.37 -5.77 25.81
N HIS B 134 8.54 -5.10 25.01
CA HIS B 134 8.15 -5.66 23.73
C HIS B 134 9.39 -5.80 22.81
N PRO B 135 9.62 -7.00 22.22
CA PRO B 135 10.85 -7.21 21.43
C PRO B 135 10.91 -6.51 20.09
N VAL B 136 9.82 -5.88 19.65
CA VAL B 136 9.87 -5.08 18.44
C VAL B 136 10.78 -3.86 18.66
N TRP B 137 10.97 -3.46 19.93
CA TRP B 137 11.85 -2.34 20.24
C TRP B 137 13.32 -2.68 20.12
N VAL B 138 13.69 -3.95 20.28
CA VAL B 138 15.05 -4.37 19.92
C VAL B 138 15.21 -4.29 18.41
N GLN B 139 14.15 -4.59 17.67
CA GLN B 139 14.18 -4.45 16.19
C GLN B 139 14.23 -2.99 15.76
N PHE B 140 13.53 -2.11 16.45
CA PHE B 140 13.62 -0.68 16.13
C PHE B 140 15.05 -0.19 16.29
N ALA B 141 15.66 -0.55 17.43
CA ALA B 141 17.03 -0.14 17.79
C ALA B 141 18.07 -0.60 16.76
N LYS B 142 17.94 -1.82 16.27
CA LYS B 142 18.89 -2.34 15.27
C LYS B 142 18.64 -1.81 13.84
N ALA B 143 17.37 -1.61 13.48
CA ALA B 143 17.01 -1.40 12.08
C ALA B 143 16.79 0.05 11.71
N SER B 145 18.32 2.68 13.25
CA SER B 145 19.40 3.56 13.68
C SER B 145 20.03 4.38 12.56
N PRO B 146 20.22 3.79 11.36
CA PRO B 146 20.87 4.52 10.25
C PRO B 146 20.27 5.87 9.87
N ALA B 149 21.13 8.61 12.76
CA ALA B 149 22.52 9.02 12.87
C ALA B 149 22.71 10.51 12.64
N ASN B 150 22.07 11.04 11.59
CA ASN B 150 22.25 12.44 11.22
C ASN B 150 21.54 13.38 12.18
N PRO B 151 20.23 13.13 12.47
CA PRO B 151 19.55 13.90 13.53
C PRO B 151 20.31 13.92 14.86
N ALA B 152 20.86 12.76 15.26
CA ALA B 152 21.64 12.68 16.49
C ALA B 152 22.84 13.65 16.45
N GLN B 153 23.53 13.73 15.31
CA GLN B 153 24.66 14.66 15.13
C GLN B 153 24.22 16.12 15.15
N LEU B 154 23.10 16.41 14.51
CA LEU B 154 22.52 17.76 14.53
C LEU B 154 22.14 18.20 15.95
N ILE B 155 21.43 17.36 16.72
CA ILE B 155 21.08 17.71 18.09
C ILE B 155 22.36 17.88 18.94
N ALA B 156 23.36 17.04 18.71
CA ALA B 156 24.63 17.18 19.41
C ALA B 156 25.30 18.50 18.98
N GLN B 157 25.18 18.87 17.71
CA GLN B 157 25.61 20.19 17.24
C GLN B 157 24.83 21.29 17.98
N LEU B 158 23.51 21.17 18.01
CA LEU B 158 22.62 22.17 18.63
C LEU B 158 22.86 22.46 20.12
N VAL B 159 23.22 21.46 20.91
CA VAL B 159 23.35 21.69 22.35
C VAL B 159 24.74 22.12 22.77
N ASN B 160 25.75 21.79 21.96
CA ASN B 160 27.14 21.56 22.43
C ASN B 160 27.96 22.82 22.77
N GLU B 161 28.35 22.89 24.05
CA GLU B 161 29.23 23.94 24.61
C GLU B 161 30.48 23.32 25.27
N PRO B 166 31.85 19.98 31.99
CA PRO B 166 31.58 18.53 32.16
C PRO B 166 30.08 18.18 32.37
N LEU B 167 29.44 17.64 31.32
CA LEU B 167 27.97 17.43 31.29
C LEU B 167 27.52 16.08 31.88
N LYS B 168 26.31 16.07 32.41
CA LYS B 168 25.66 14.83 32.78
C LYS B 168 24.34 14.77 32.01
N VAL B 169 24.26 13.78 31.09
CA VAL B 169 23.13 13.61 30.14
C VAL B 169 22.32 12.33 30.44
N LEU B 170 21.00 12.48 30.53
CA LEU B 170 20.09 11.36 30.53
C LEU B 170 19.41 11.19 29.13
N ASP B 171 19.47 9.99 28.57
CA ASP B 171 18.79 9.67 27.30
C ASP B 171 17.66 8.68 27.57
N ILE B 172 16.43 9.18 27.59
CA ILE B 172 15.27 8.36 27.95
C ILE B 172 14.67 7.64 26.74
N SER B 173 14.57 6.30 26.85
CA SER B 173 14.26 5.41 25.71
C SER B 173 15.33 5.55 24.67
N ALA B 174 16.54 5.27 25.13
CA ALA B 174 17.73 5.46 24.36
C ALA B 174 17.75 4.67 23.05
N SER B 175 17.05 3.53 23.02
CA SER B 175 17.00 2.67 21.83
C SER B 175 18.40 2.28 21.35
N HIS B 176 18.69 2.57 20.09
CA HIS B 176 20.02 2.42 19.52
C HIS B 176 21.08 3.27 20.22
N GLY B 177 20.64 4.21 21.07
CA GLY B 177 21.55 5.02 21.87
C GLY B 177 22.22 6.17 21.14
N LEU B 178 21.90 6.41 19.86
CA LEU B 178 22.69 7.35 19.06
C LEU B 178 22.61 8.84 19.49
N PHE B 179 21.54 9.23 20.16
CA PHE B 179 21.38 10.62 20.55
C PHE B 179 22.35 10.95 21.66
N GLY B 180 22.31 10.17 22.74
CA GLY B 180 23.30 10.30 23.81
C GLY B 180 24.73 10.09 23.36
N ILE B 181 24.95 9.07 22.52
CA ILE B 181 26.29 8.77 22.01
C ILE B 181 26.88 9.97 21.26
N ALA B 182 26.07 10.65 20.46
CA ALA B 182 26.54 11.82 19.69
C ALA B 182 26.90 13.00 20.60
N VAL B 183 26.14 13.20 21.69
CA VAL B 183 26.52 14.20 22.69
C VAL B 183 27.94 13.87 23.20
N ALA B 184 28.21 12.61 23.57
CA ALA B 184 29.52 12.23 24.06
C ALA B 184 30.57 12.29 22.96
N GLN B 185 30.18 12.02 21.73
CA GLN B 185 31.08 12.15 20.57
C GLN B 185 31.65 13.57 20.50
N HIS B 186 30.78 14.56 20.69
CA HIS B 186 31.15 15.96 20.57
C HIS B 186 31.61 16.62 21.88
N ASN B 187 31.23 16.06 23.03
CA ASN B 187 31.52 16.62 24.35
C ASN B 187 32.35 15.60 25.14
N PRO B 188 33.68 15.63 25.03
CA PRO B 188 34.52 14.55 25.60
C PRO B 188 34.51 14.38 27.11
N ASN B 189 33.84 15.30 27.82
CA ASN B 189 33.70 15.27 29.27
C ASN B 189 32.27 14.97 29.71
N ALA B 190 31.39 14.79 28.74
CA ALA B 190 30.00 14.40 28.99
C ALA B 190 29.91 12.93 29.44
N GLU B 191 29.06 12.68 30.42
CA GLU B 191 28.74 11.34 30.89
C GLU B 191 27.29 11.08 30.50
N ILE B 192 27.03 9.94 29.84
CA ILE B 192 25.69 9.61 29.31
C ILE B 192 25.07 8.44 30.08
N PHE B 193 23.80 8.60 30.46
CA PHE B 193 23.06 7.60 31.15
C PHE B 193 21.83 7.22 30.32
N GLY B 194 21.94 6.12 29.56
CA GLY B 194 20.83 5.58 28.77
C GLY B 194 19.79 4.77 29.54
N VAL B 195 18.51 5.11 29.37
CA VAL B 195 17.43 4.39 30.01
C VAL B 195 16.57 3.66 28.93
N ASP B 196 16.46 2.32 29.02
CA ASP B 196 15.57 1.53 28.13
C ASP B 196 15.56 0.14 28.74
N TRP B 197 14.81 -0.80 28.15
CA TRP B 197 14.79 -2.17 28.66
C TRP B 197 16.17 -2.76 28.45
N ALA B 198 16.56 -3.69 29.31
CA ALA B 198 17.88 -4.29 29.27
C ALA B 198 18.28 -4.77 27.87
N SER B 199 17.36 -5.45 27.18
CA SER B 199 17.66 -6.03 25.86
C SER B 199 17.91 -4.95 24.81
N VAL B 200 17.16 -3.85 24.91
CA VAL B 200 17.34 -2.71 24.03
C VAL B 200 18.67 -1.98 24.32
N LEU B 201 18.98 -1.80 25.61
CA LEU B 201 20.26 -1.22 26.02
C LEU B 201 21.52 -1.92 25.47
N GLU B 202 21.43 -3.20 25.14
CA GLU B 202 22.57 -3.90 24.54
C GLU B 202 22.92 -3.41 23.15
N VAL B 203 21.92 -2.91 22.41
CA VAL B 203 22.19 -2.25 21.12
C VAL B 203 22.89 -0.90 21.33
N ALA B 204 22.42 -0.14 22.33
CA ALA B 204 22.99 1.14 22.74
C ALA B 204 24.45 0.98 23.13
N LYS B 205 24.71 0.01 24.01
CA LYS B 205 26.07 -0.29 24.46
C LYS B 205 26.99 -0.70 23.34
N GLU B 206 26.47 -1.51 22.40
CA GLU B 206 27.25 -1.88 21.21
C GLU B 206 27.62 -0.65 20.37
N ASN B 207 26.63 0.22 20.15
CA ASN B 207 26.88 1.47 19.46
C ASN B 207 27.82 2.42 20.23
N ALA B 208 27.66 2.51 21.56
CA ALA B 208 28.58 3.27 22.41
C ALA B 208 30.02 2.83 22.14
N ARG B 209 30.26 1.53 22.22
CA ARG B 209 31.58 0.94 21.99
C ARG B 209 32.10 1.20 20.60
N ILE B 210 31.25 1.04 19.59
CA ILE B 210 31.68 1.25 18.21
C ILE B 210 32.17 2.67 17.99
N GLN B 211 31.46 3.63 18.57
CA GLN B 211 31.82 5.03 18.44
C GLN B 211 32.92 5.49 19.42
N GLY B 212 33.44 4.57 20.21
CA GLY B 212 34.56 4.84 21.08
C GLY B 212 34.23 5.68 22.30
N VAL B 213 32.98 5.64 22.78
CA VAL B 213 32.54 6.49 23.91
C VAL B 213 32.10 5.69 25.13
N ALA B 214 32.48 4.42 25.18
CA ALA B 214 31.87 3.47 26.08
C ALA B 214 32.19 3.70 27.56
N SER B 215 33.36 4.24 27.84
CA SER B 215 33.78 4.46 29.23
C SER B 215 32.92 5.54 29.86
N ARG B 216 32.28 6.35 29.02
CA ARG B 216 31.37 7.38 29.48
C ARG B 216 29.93 7.09 29.15
N TYR B 217 29.63 5.83 28.79
CA TYR B 217 28.24 5.41 28.58
C TYR B 217 27.77 4.47 29.68
N HIS B 218 26.70 4.87 30.36
CA HIS B 218 26.12 4.17 31.50
C HIS B 218 24.63 3.91 31.26
N THR B 219 24.10 2.88 31.91
CA THR B 219 22.77 2.37 31.59
C THR B 219 21.92 2.20 32.83
N ILE B 220 20.65 2.55 32.72
CA ILE B 220 19.67 2.29 33.77
C ILE B 220 18.53 1.47 33.12
N ALA B 221 18.51 0.15 33.36
CA ALA B 221 17.59 -0.79 32.68
C ALA B 221 16.23 -0.86 33.30
N GLY B 222 15.20 -0.67 32.50
CA GLY B 222 13.85 -0.82 32.97
C GLY B 222 12.97 0.20 32.32
N SER B 223 11.77 0.34 32.86
CA SER B 223 10.81 1.28 32.36
C SER B 223 11.21 2.71 32.73
N ALA B 224 11.13 3.58 31.74
CA ALA B 224 11.37 5.01 31.92
C ALA B 224 10.49 5.58 33.02
N PHE B 225 9.35 4.92 33.28
CA PHE B 225 8.37 5.39 34.27
C PHE B 225 8.60 4.90 35.69
N GLU B 226 9.49 3.91 35.88
CA GLU B 226 9.68 3.21 37.16
C GLU B 226 11.12 3.29 37.67
N VAL B 227 12.11 3.21 36.78
CA VAL B 227 13.51 3.28 37.22
C VAL B 227 13.82 4.60 37.93
N ASP B 228 14.96 4.65 38.62
CA ASP B 228 15.42 5.86 39.31
C ASP B 228 16.55 6.46 38.50
N TYR B 229 16.36 7.71 38.09
CA TYR B 229 17.29 8.35 37.16
C TYR B 229 18.56 8.79 37.86
N GLY B 230 18.43 9.13 39.14
CA GLY B 230 19.42 9.97 39.79
C GLY B 230 19.09 11.46 39.62
N ASN B 231 20.12 12.29 39.81
CA ASN B 231 19.95 13.73 39.95
C ASN B 231 21.03 14.47 39.20
N ASP B 232 20.83 15.78 39.07
CA ASP B 232 21.86 16.69 38.58
C ASP B 232 22.18 16.49 37.09
N TYR B 233 21.11 16.36 36.31
CA TYR B 233 21.24 16.25 34.86
C TYR B 233 21.20 17.63 34.21
N ASP B 234 22.21 17.93 33.41
CA ASP B 234 22.26 19.15 32.62
C ASP B 234 21.34 19.08 31.40
N LEU B 235 21.31 17.89 30.80
CA LEU B 235 20.54 17.66 29.57
C LEU B 235 19.75 16.35 29.69
N VAL B 236 18.47 16.37 29.37
CA VAL B 236 17.68 15.13 29.25
C VAL B 236 17.13 15.02 27.80
N LEU B 237 17.43 13.91 27.11
CA LEU B 237 16.96 13.66 25.72
C LEU B 237 15.70 12.81 25.75
N LEU B 238 14.72 13.18 24.93
CA LEU B 238 13.50 12.40 24.73
C LEU B 238 13.25 12.14 23.23
N PRO B 239 14.05 11.25 22.60
CA PRO B 239 13.87 11.03 21.18
C PRO B 239 12.78 10.00 20.92
N ASN B 240 11.72 10.41 20.20
CA ASN B 240 10.70 9.49 19.67
C ASN B 240 10.02 8.64 20.74
N PHE B 241 9.60 9.27 21.83
CA PHE B 241 9.05 8.53 22.96
C PHE B 241 7.70 9.07 23.44
N LEU B 242 7.56 10.38 23.59
CA LEU B 242 6.31 10.91 24.16
C LEU B 242 5.10 10.56 23.31
N HIS B 243 5.28 10.45 22.00
CA HIS B 243 4.16 10.17 21.10
C HIS B 243 3.36 8.89 21.39
N HIS B 244 3.98 7.94 22.11
CA HIS B 244 3.31 6.69 22.45
C HIS B 244 2.24 6.80 23.55
N PHE B 245 2.26 7.88 24.33
CA PHE B 245 1.47 7.97 25.56
C PHE B 245 0.50 9.11 25.53
N ASP B 246 -0.52 9.04 26.39
CA ASP B 246 -1.46 10.16 26.55
C ASP B 246 -0.83 11.34 27.28
N VAL B 247 -1.54 12.48 27.30
CA VAL B 247 -0.99 13.73 27.86
C VAL B 247 -0.63 13.55 29.36
N ALA B 248 -1.57 13.00 30.13
CA ALA B 248 -1.36 12.75 31.56
C ALA B 248 -0.13 11.88 31.84
N THR B 249 0.06 10.82 31.06
CA THR B 249 1.23 9.97 31.22
C THR B 249 2.52 10.70 30.86
N CYS B 250 2.47 11.46 29.77
CA CYS B 250 3.57 12.36 29.41
C CYS B 250 3.89 13.35 30.55
N GLU B 251 2.85 13.96 31.10
CA GLU B 251 3.04 14.98 32.15
C GLU B 251 3.74 14.35 33.36
N GLN B 252 3.27 13.16 33.74
CA GLN B 252 3.88 12.38 34.82
C GLN B 252 5.38 12.18 34.62
N LEU B 253 5.75 11.74 33.42
CA LEU B 253 7.15 11.55 33.05
C LEU B 253 7.97 12.85 33.12
N LEU B 254 7.35 13.95 32.67
CA LEU B 254 8.04 15.26 32.63
C LEU B 254 8.23 15.83 34.06
N ARG B 255 7.28 15.58 34.96
CA ARG B 255 7.50 15.88 36.39
C ARG B 255 8.67 15.08 36.95
N LYS B 256 8.70 13.81 36.60
CA LYS B 256 9.78 12.94 37.05
C LYS B 256 11.12 13.41 36.48
N ILE B 257 11.11 13.84 35.22
CA ILE B 257 12.31 14.38 34.57
C ILE B 257 12.76 15.69 35.26
N LYS B 258 11.82 16.57 35.55
CA LYS B 258 12.15 17.86 36.13
C LYS B 258 12.95 17.67 37.42
N THR B 259 12.46 16.78 38.27
CA THR B 259 13.16 16.42 39.51
C THR B 259 14.62 16.01 39.29
N ALA B 260 14.91 15.37 38.17
CA ALA B 260 16.26 14.86 37.92
C ALA B 260 17.19 15.94 37.38
N LEU B 261 16.66 17.11 37.04
CA LEU B 261 17.45 18.16 36.41
C LEU B 261 18.21 19.02 37.42
N ALA B 262 19.45 19.34 37.06
CA ALA B 262 20.22 20.38 37.68
C ALA B 262 19.55 21.73 37.42
N VAL B 263 20.02 22.76 38.14
CA VAL B 263 19.36 24.06 38.21
C VAL B 263 19.09 24.70 36.83
N GLU B 264 20.07 24.61 35.93
CA GLU B 264 19.96 25.22 34.61
C GLU B 264 19.70 24.16 33.53
N GLY B 265 19.02 23.07 33.93
CA GLY B 265 18.88 21.88 33.12
C GLY B 265 17.89 22.03 31.98
N LYS B 266 18.18 21.37 30.87
CA LYS B 266 17.34 21.40 29.66
C LYS B 266 16.85 20.00 29.24
N VAL B 267 15.61 19.94 28.75
CA VAL B 267 15.05 18.77 28.08
C VAL B 267 14.95 18.98 26.56
N ILE B 268 15.42 18.03 25.76
CA ILE B 268 15.28 18.09 24.30
C ILE B 268 14.35 16.98 23.81
N VAL B 269 13.23 17.37 23.23
CA VAL B 269 12.32 16.44 22.59
C VAL B 269 12.59 16.42 21.10
N PHE B 270 12.79 15.22 20.55
CA PHE B 270 12.90 15.01 19.13
C PHE B 270 11.72 14.12 18.72
N ASP B 271 10.88 14.58 17.82
CA ASP B 271 9.63 13.86 17.58
C ASP B 271 8.95 14.37 16.30
N PHE B 272 7.78 13.81 15.99
CA PHE B 272 6.93 14.26 14.89
C PHE B 272 5.98 15.34 15.43
N ILE B 273 6.27 16.59 15.06
CA ILE B 273 5.49 17.72 15.54
C ILE B 273 4.84 18.37 14.32
N PRO B 274 3.56 18.05 14.08
CA PRO B 274 2.82 18.65 12.99
C PRO B 274 2.42 20.07 13.30
N ASN B 275 2.22 20.87 12.25
CA ASN B 275 1.60 22.18 12.39
C ASN B 275 0.24 22.02 13.03
N SER B 276 -0.38 23.12 13.44
CA SER B 276 -1.62 23.01 14.20
C SER B 276 -2.80 22.63 13.30
N ASP B 277 -2.60 22.69 11.98
CA ASP B 277 -3.58 22.17 11.03
C ASP B 277 -3.74 20.64 11.14
N ARG B 278 -2.68 19.97 11.60
CA ARG B 278 -2.66 18.52 11.81
CA ARG B 278 -2.65 18.52 11.80
C ARG B 278 -2.66 17.76 10.49
N ILE B 279 -2.42 18.48 9.39
CA ILE B 279 -2.29 17.88 8.08
C ILE B 279 -0.95 18.20 7.38
N THR B 280 -0.16 19.12 7.93
CA THR B 280 1.20 19.38 7.43
C THR B 280 2.18 19.46 8.60
N PRO B 281 3.48 19.20 8.35
CA PRO B 281 3.99 18.64 7.09
C PRO B 281 3.44 17.24 6.98
N PRO B 282 3.32 16.74 5.76
CA PRO B 282 2.57 15.49 5.56
C PRO B 282 3.07 14.27 6.37
N ASP B 283 4.39 14.08 6.45
CA ASP B 283 4.93 12.91 7.13
CA ASP B 283 4.94 12.92 7.16
C ASP B 283 4.76 13.02 8.67
N ALA B 284 4.96 14.21 9.23
CA ALA B 284 4.70 14.43 10.65
C ALA B 284 3.22 14.21 10.96
N ALA B 285 2.35 14.75 10.11
CA ALA B 285 0.91 14.76 10.39
C ALA B 285 0.30 13.35 10.28
N ALA B 286 0.83 12.55 9.35
CA ALA B 286 0.27 11.25 9.05
C ALA B 286 0.69 10.26 10.12
N PHE B 287 1.62 10.65 10.98
CA PHE B 287 2.09 9.78 12.04
C PHE B 287 1.04 9.51 13.13
N SER B 288 0.02 10.36 13.22
CA SER B 288 -1.00 10.14 14.21
C SER B 288 -1.83 8.84 13.89
N LEU B 289 -2.01 8.51 12.59
CA LEU B 289 -2.71 7.27 12.20
C LEU B 289 -1.95 6.01 12.66
N VAL B 290 -0.63 6.05 12.55
CA VAL B 290 0.25 5.02 13.12
C VAL B 290 0.12 4.90 14.65
N LEU B 292 -2.73 5.82 16.36
CA LEU B 292 -4.05 5.20 16.47
C LEU B 292 -4.00 3.67 16.31
N ALA B 293 -3.26 3.20 15.31
CA ALA B 293 -3.22 1.80 14.93
C ALA B 293 -2.47 0.93 15.88
N THR B 294 -1.51 1.50 16.61
CA THR B 294 -0.50 0.74 17.35
C THR B 294 -0.40 1.01 18.84
N THR B 295 -1.10 2.03 19.33
CA THR B 295 -1.02 2.38 20.76
C THR B 295 -2.44 2.67 21.24
N PRO B 296 -2.71 2.47 22.54
CA PRO B 296 -4.01 2.83 23.10
C PRO B 296 -4.35 4.33 23.01
N ASN B 297 -3.37 5.19 23.29
CA ASN B 297 -3.65 6.63 23.42
C ASN B 297 -2.57 7.58 22.90
N GLY B 298 -1.67 7.07 22.05
CA GLY B 298 -0.58 7.85 21.52
C GLY B 298 -1.08 8.78 20.47
N ASP B 299 -0.24 9.74 20.09
CA ASP B 299 -0.65 10.77 19.09
C ASP B 299 0.61 11.46 18.60
N ALA B 300 0.51 12.08 17.43
CA ALA B 300 1.53 13.03 16.97
C ALA B 300 1.10 14.39 17.50
N TYR B 301 1.72 14.81 18.58
CA TYR B 301 1.36 16.03 19.25
C TYR B 301 2.03 17.24 18.59
N THR B 302 1.28 18.34 18.59
CA THR B 302 1.70 19.63 18.09
C THR B 302 2.49 20.37 19.18
N PHE B 303 3.13 21.46 18.79
CA PHE B 303 3.95 22.22 19.72
C PHE B 303 3.12 22.80 20.85
N ALA B 304 1.93 23.30 20.54
CA ALA B 304 1.02 23.85 21.56
C ALA B 304 0.74 22.80 22.61
N GLU B 305 0.62 21.56 22.17
CA GLU B 305 0.27 20.49 23.08
C GLU B 305 1.47 20.11 23.94
N TYR B 306 2.64 20.05 23.34
CA TYR B 306 3.85 19.81 24.11
C TYR B 306 4.16 20.99 25.06
N GLU B 307 3.96 22.22 24.59
CA GLU B 307 4.21 23.42 25.37
C GLU B 307 3.36 23.36 26.63
N SER B 308 2.07 23.07 26.49
CA SER B 308 1.16 22.88 27.60
C SER B 308 1.58 21.74 28.54
N PHE B 310 4.72 20.63 29.13
CA PHE B 310 5.85 21.11 29.89
C PHE B 310 5.41 22.17 30.90
N SER B 311 4.50 23.05 30.51
CA SER B 311 3.96 24.03 31.45
C SER B 311 3.31 23.33 32.67
N ASN B 312 2.30 22.50 32.44
CA ASN B 312 1.68 21.71 33.53
C ASN B 312 2.65 20.84 34.36
N ALA B 313 3.74 20.38 33.76
CA ALA B 313 4.77 19.64 34.48
C ALA B 313 5.72 20.56 35.25
N GLY B 314 5.49 21.88 35.18
CA GLY B 314 6.25 22.86 35.96
C GLY B 314 7.47 23.50 35.31
N PHE B 315 7.64 23.35 34.00
CA PHE B 315 8.83 23.91 33.33
C PHE B 315 8.62 25.40 33.11
N SER B 316 9.70 26.19 33.17
CA SER B 316 9.55 27.65 33.00
C SER B 316 9.27 28.06 31.55
N HIS B 317 9.76 27.27 30.60
CA HIS B 317 9.73 27.65 29.20
C HIS B 317 10.06 26.48 28.23
N SER B 318 9.40 26.48 27.07
CA SER B 318 9.82 25.62 25.95
C SER B 318 9.75 26.38 24.61
N GLN B 319 10.60 25.94 23.70
CA GLN B 319 10.88 26.65 22.48
C GLN B 319 11.05 25.66 21.32
N LEU B 320 10.43 25.97 20.19
CA LEU B 320 10.53 25.13 19.00
C LEU B 320 11.85 25.43 18.23
N HIS B 321 12.47 24.37 17.74
CA HIS B 321 13.48 24.39 16.68
C HIS B 321 13.02 23.32 15.66
N SER B 322 12.33 23.81 14.63
CA SER B 322 11.85 23.01 13.51
C SER B 322 12.90 22.03 12.94
N LEU B 323 14.14 22.50 12.83
CA LEU B 323 15.20 21.80 12.11
C LEU B 323 14.72 21.34 10.70
N PRO B 324 14.81 22.26 9.70
CA PRO B 324 14.43 21.98 8.32
C PRO B 324 15.45 21.14 7.57
N THR B 325 16.65 20.97 8.13
CA THR B 325 17.64 20.06 7.59
C THR B 325 17.32 18.59 7.95
N THR B 326 16.23 18.34 8.69
CA THR B 326 15.73 16.95 8.97
C THR B 326 14.19 16.76 8.85
N GLN B 327 13.79 15.49 8.92
CA GLN B 327 12.38 15.05 8.79
C GLN B 327 11.56 15.44 10.00
N GLN B 328 12.15 15.32 11.19
CA GLN B 328 11.43 15.52 12.44
C GLN B 328 11.84 16.86 13.07
N GLN B 329 11.15 17.22 14.16
CA GLN B 329 11.22 18.56 14.75
C GLN B 329 11.70 18.50 16.20
N VAL B 330 12.25 19.60 16.74
CA VAL B 330 12.83 19.61 18.11
C VAL B 330 12.28 20.68 19.05
N ILE B 331 11.93 20.27 20.28
CA ILE B 331 11.57 21.21 21.37
C ILE B 331 12.64 21.21 22.44
N VAL B 332 13.05 22.40 22.88
CA VAL B 332 13.91 22.56 24.05
C VAL B 332 13.05 23.12 25.19
N ALA B 333 13.04 22.43 26.32
CA ALA B 333 12.34 22.89 27.51
C ALA B 333 13.36 23.24 28.61
N TYR B 334 13.02 24.27 29.39
CA TYR B 334 13.90 24.81 30.41
C TYR B 334 13.24 24.67 31.77
N LYS B 335 14.04 24.19 32.72
CA LYS B 335 13.56 23.92 34.08
C LYS B 335 12.91 25.16 34.71
#